data_3KAW
#
_entry.id   3KAW
#
_cell.length_a   66.698
_cell.length_b   50.397
_cell.length_c   162.300
_cell.angle_alpha   90.000
_cell.angle_beta   101.550
_cell.angle_gamma   90.000
#
_symmetry.space_group_name_H-M   'P 1 21 1'
#
loop_
_entity.id
_entity.type
_entity.pdbx_description
1 polymer 'uncharacterized protein PA2107'
2 non-polymer 'SULFATE ION'
3 water water
#
_entity_poly.entity_id   1
_entity_poly.type   'polypeptide(L)'
_entity_poly.pdbx_seq_one_letter_code
;MTRAINDPGNEDPGSLLETDADALLGGAAAQAPEERCRLAAQACIRACERYLALCTESSREQRQHAGDCADLCRLAALLL
ERRSPWAPAACELAARYALACAERCDGDEPLERECAGACRRFVEACRPLLPALEHHHHHH
;
_entity_poly.pdbx_strand_id   A,B,C,D,E,F,G,H
#
loop_
_chem_comp.id
_chem_comp.type
_chem_comp.name
_chem_comp.formula
SO4 non-polymer 'SULFATE ION' 'O4 S -2'
#
# COMPACT_ATOMS: atom_id res chain seq x y z
N ALA A 32 54.67 8.93 -32.83
CA ALA A 32 53.61 7.89 -32.88
C ALA A 32 52.30 8.42 -32.30
N PRO A 33 51.20 8.29 -33.05
CA PRO A 33 49.89 8.76 -32.61
C PRO A 33 49.36 8.02 -31.39
N GLU A 34 49.72 6.76 -31.23
CA GLU A 34 49.25 6.01 -30.08
C GLU A 34 49.88 6.54 -28.79
N GLU A 35 51.18 6.79 -28.84
CA GLU A 35 51.88 7.29 -27.67
C GLU A 35 51.30 8.64 -27.26
N ARG A 36 50.98 9.46 -28.25
CA ARG A 36 50.43 10.80 -28.02
C ARG A 36 49.06 10.69 -27.35
N CYS A 37 48.29 9.71 -27.81
CA CYS A 37 46.95 9.47 -27.28
C CYS A 37 46.99 8.89 -25.87
N ARG A 38 47.92 7.96 -25.62
CA ARG A 38 48.05 7.36 -24.31
C ARG A 38 48.48 8.44 -23.32
N LEU A 39 49.44 9.24 -23.75
CA LEU A 39 49.97 10.34 -22.95
C LEU A 39 48.84 11.29 -22.57
N ALA A 40 47.97 11.62 -23.52
CA ALA A 40 46.85 12.53 -23.25
C ALA A 40 45.81 11.83 -22.37
N ALA A 41 45.74 10.51 -22.47
CA ALA A 41 44.78 9.77 -21.67
C ALA A 41 45.29 9.81 -20.23
N GLN A 42 46.60 9.69 -20.06
CA GLN A 42 47.20 9.69 -18.73
C GLN A 42 46.94 11.03 -18.04
N ALA A 43 47.10 12.12 -18.77
CA ALA A 43 46.89 13.44 -18.24
C ALA A 43 45.41 13.65 -17.88
N CYS A 44 44.53 13.11 -18.72
CA CYS A 44 43.11 13.24 -18.47
C CYS A 44 42.72 12.52 -17.18
N ILE A 45 43.34 11.37 -16.95
CA ILE A 45 43.09 10.61 -15.75
C ILE A 45 43.53 11.44 -14.55
N ARG A 46 44.72 12.00 -14.64
CA ARG A 46 45.26 12.86 -13.59
C ARG A 46 44.30 14.03 -13.30
N ALA A 47 43.90 14.75 -14.34
CA ALA A 47 43.00 15.89 -14.17
C ALA A 47 41.68 15.55 -13.48
N CYS A 48 41.01 14.50 -13.97
CA CYS A 48 39.73 14.07 -13.42
C CYS A 48 39.82 13.71 -11.95
N GLU A 49 40.86 12.97 -11.60
CA GLU A 49 41.09 12.55 -10.21
C GLU A 49 41.34 13.75 -9.29
N ARG A 50 42.17 14.71 -9.72
CA ARG A 50 42.42 15.88 -8.88
C ARG A 50 41.14 16.66 -8.70
N TYR A 51 40.28 16.60 -9.72
CA TYR A 51 39.01 17.31 -9.67
C TYR A 51 38.08 16.68 -8.64
N LEU A 52 37.70 15.42 -8.85
CA LEU A 52 36.78 14.78 -7.93
C LEU A 52 37.32 14.65 -6.50
N ALA A 53 38.63 14.74 -6.34
CA ALA A 53 39.22 14.64 -5.02
C ALA A 53 39.42 16.01 -4.34
N LEU A 54 39.80 17.02 -5.10
CA LEU A 54 40.04 18.34 -4.51
C LEU A 54 38.96 19.40 -4.70
N CYS A 55 38.19 19.34 -5.77
CA CYS A 55 37.14 20.33 -5.98
C CYS A 55 36.11 20.17 -4.87
N THR A 56 35.58 21.29 -4.37
CA THR A 56 34.61 21.25 -3.29
C THR A 56 33.25 21.78 -3.71
N GLU A 57 33.11 22.09 -4.99
CA GLU A 57 31.86 22.61 -5.53
C GLU A 57 31.19 21.62 -6.46
N SER A 58 31.85 20.50 -6.74
CA SER A 58 31.30 19.50 -7.64
C SER A 58 29.97 18.93 -7.16
N SER A 59 29.11 18.60 -8.11
CA SER A 59 27.83 18.02 -7.80
C SER A 59 27.98 16.50 -7.94
N ARG A 60 26.91 15.77 -7.61
CA ARG A 60 26.92 14.32 -7.72
C ARG A 60 27.15 13.91 -9.18
N GLU A 61 26.42 14.51 -10.11
CA GLU A 61 26.56 14.19 -11.53
C GLU A 61 27.93 14.52 -12.14
N GLN A 62 28.59 15.55 -11.62
CA GLN A 62 29.91 15.93 -12.12
C GLN A 62 30.97 14.93 -11.66
N ARG A 63 30.76 14.40 -10.45
CA ARG A 63 31.67 13.43 -9.85
C ARG A 63 31.53 12.10 -10.61
N GLN A 64 30.31 11.77 -11.02
CA GLN A 64 30.07 10.55 -11.77
C GLN A 64 30.76 10.71 -13.11
N HIS A 65 30.52 11.85 -13.76
CA HIS A 65 31.17 12.10 -15.05
C HIS A 65 32.70 12.03 -14.95
N ALA A 66 33.27 12.75 -13.98
CA ALA A 66 34.72 12.76 -13.83
C ALA A 66 35.30 11.39 -13.46
N GLY A 67 34.61 10.67 -12.60
CA GLY A 67 35.10 9.36 -12.18
C GLY A 67 35.01 8.35 -13.31
N ASP A 68 33.88 8.35 -14.00
CA ASP A 68 33.71 7.42 -15.11
C ASP A 68 34.70 7.73 -16.23
N CYS A 69 34.90 9.01 -16.50
CA CYS A 69 35.85 9.41 -17.54
C CYS A 69 37.24 8.92 -17.15
N ALA A 70 37.58 9.00 -15.86
CA ALA A 70 38.89 8.52 -15.42
C ALA A 70 39.05 7.01 -15.71
N ASP A 71 38.04 6.22 -15.35
CA ASP A 71 38.11 4.79 -15.59
C ASP A 71 38.16 4.46 -17.08
N LEU A 72 37.37 5.16 -17.88
CA LEU A 72 37.33 4.94 -19.33
C LEU A 72 38.70 5.21 -19.94
N CYS A 73 39.33 6.31 -19.55
CA CYS A 73 40.65 6.66 -20.08
C CYS A 73 41.71 5.71 -19.58
N ARG A 74 41.45 5.12 -18.43
CA ARG A 74 42.37 4.17 -17.85
C ARG A 74 42.39 2.96 -18.77
N LEU A 75 41.22 2.39 -19.02
CA LEU A 75 41.09 1.23 -19.87
C LEU A 75 41.75 1.53 -21.22
N ALA A 76 41.47 2.69 -21.78
CA ALA A 76 42.07 3.05 -23.06
C ALA A 76 43.59 3.10 -22.94
N ALA A 77 44.12 3.68 -21.85
CA ALA A 77 45.57 3.76 -21.69
C ALA A 77 46.21 2.36 -21.66
N LEU A 78 45.52 1.42 -21.01
CA LEU A 78 46.01 0.05 -20.92
C LEU A 78 46.08 -0.61 -22.30
N LEU A 79 45.06 -0.39 -23.14
CA LEU A 79 45.09 -0.98 -24.47
C LEU A 79 46.11 -0.29 -25.36
N LEU A 80 46.32 1.00 -25.14
CA LEU A 80 47.32 1.73 -25.92
C LEU A 80 48.74 1.29 -25.52
N GLU A 81 48.95 1.05 -24.23
CA GLU A 81 50.28 0.61 -23.74
C GLU A 81 50.75 -0.67 -24.42
N ARG A 82 49.86 -1.66 -24.45
CA ARG A 82 50.14 -2.95 -25.05
C ARG A 82 49.90 -2.93 -26.57
N ARG A 83 49.69 -1.75 -27.12
CA ARG A 83 49.42 -1.59 -28.55
C ARG A 83 48.41 -2.64 -29.05
N SER A 84 47.27 -2.69 -28.38
CA SER A 84 46.20 -3.62 -28.70
C SER A 84 45.42 -3.18 -29.95
N PRO A 85 44.95 -4.15 -30.74
CA PRO A 85 44.19 -3.83 -31.94
C PRO A 85 42.80 -3.34 -31.55
N TRP A 86 42.45 -3.52 -30.28
CA TRP A 86 41.14 -3.08 -29.78
C TRP A 86 41.21 -1.71 -29.11
N ALA A 87 42.38 -1.09 -29.11
CA ALA A 87 42.53 0.22 -28.51
C ALA A 87 41.59 1.27 -29.13
N PRO A 88 41.53 1.34 -30.46
CA PRO A 88 40.63 2.33 -31.08
C PRO A 88 39.19 2.25 -30.62
N ALA A 89 38.65 1.05 -30.51
CA ALA A 89 37.27 0.89 -30.09
C ALA A 89 37.14 1.45 -28.68
N ALA A 90 38.15 1.22 -27.84
CA ALA A 90 38.12 1.72 -26.47
C ALA A 90 38.31 3.24 -26.45
N CYS A 91 39.13 3.76 -27.36
CA CYS A 91 39.36 5.20 -27.40
C CYS A 91 38.10 5.93 -27.82
N GLU A 92 37.35 5.34 -28.75
CA GLU A 92 36.13 5.96 -29.22
C GLU A 92 35.12 6.06 -28.08
N LEU A 93 35.10 5.06 -27.21
CA LEU A 93 34.17 5.08 -26.10
C LEU A 93 34.61 6.12 -25.06
N ALA A 94 35.90 6.14 -24.73
CA ALA A 94 36.39 7.11 -23.75
C ALA A 94 36.26 8.54 -24.26
N ALA A 95 36.55 8.73 -25.55
CA ALA A 95 36.47 10.05 -26.16
C ALA A 95 35.09 10.66 -26.09
N ARG A 96 34.08 9.88 -26.47
CA ARG A 96 32.74 10.41 -26.46
C ARG A 96 32.30 10.84 -25.05
N TYR A 97 32.67 10.06 -24.03
CA TYR A 97 32.32 10.45 -22.67
C TYR A 97 33.32 11.43 -22.07
N ALA A 98 34.52 11.49 -22.62
CA ALA A 98 35.50 12.43 -22.09
C ALA A 98 35.01 13.84 -22.38
N LEU A 99 34.50 14.06 -23.59
CA LEU A 99 34.02 15.37 -23.97
C LEU A 99 32.73 15.69 -23.20
N ALA A 100 31.98 14.65 -22.82
CA ALA A 100 30.75 14.88 -22.04
C ALA A 100 31.17 15.35 -20.63
N CYS A 101 32.28 14.80 -20.13
CA CYS A 101 32.78 15.18 -18.82
C CYS A 101 33.23 16.65 -18.90
N ALA A 102 33.87 17.05 -19.99
CA ALA A 102 34.32 18.42 -20.18
C ALA A 102 33.15 19.41 -20.28
N GLU A 103 32.04 18.95 -20.85
CA GLU A 103 30.88 19.81 -21.01
C GLU A 103 30.15 20.11 -19.70
N ARG A 104 30.25 19.21 -18.73
CA ARG A 104 29.58 19.39 -17.45
C ARG A 104 30.48 19.82 -16.32
N CYS A 105 31.78 19.61 -16.47
CA CYS A 105 32.71 19.91 -15.40
C CYS A 105 33.50 21.23 -15.52
N ASP A 106 33.61 21.74 -16.74
CA ASP A 106 34.30 22.98 -17.00
C ASP A 106 33.90 24.09 -16.04
N GLY A 107 34.86 24.91 -15.62
CA GLY A 107 34.57 26.00 -14.71
C GLY A 107 35.67 27.05 -14.66
N ASP A 108 35.53 28.06 -13.81
CA ASP A 108 36.56 29.08 -13.73
C ASP A 108 37.65 28.70 -12.73
N GLU A 109 37.41 27.68 -11.92
CA GLU A 109 38.42 27.22 -10.97
C GLU A 109 39.44 26.38 -11.70
N PRO A 110 40.74 26.56 -11.39
CA PRO A 110 41.82 25.81 -12.03
C PRO A 110 41.59 24.31 -12.21
N LEU A 111 41.10 23.63 -11.18
CA LEU A 111 40.85 22.19 -11.31
C LEU A 111 39.67 21.88 -12.26
N GLU A 112 38.69 22.78 -12.33
CA GLU A 112 37.53 22.59 -13.21
C GLU A 112 37.96 22.80 -14.66
N ARG A 113 38.76 23.83 -14.88
CA ARG A 113 39.23 24.13 -16.22
C ARG A 113 40.25 23.10 -16.72
N GLU A 114 41.10 22.61 -15.83
CA GLU A 114 42.09 21.62 -16.22
C GLU A 114 41.43 20.28 -16.55
N CYS A 115 40.33 19.99 -15.86
CA CYS A 115 39.63 18.75 -16.11
C CYS A 115 39.03 18.73 -17.52
N ALA A 116 38.38 19.83 -17.91
CA ALA A 116 37.77 19.91 -19.24
C ALA A 116 38.83 20.03 -20.33
N GLY A 117 39.87 20.82 -20.08
CA GLY A 117 40.92 20.97 -21.07
C GLY A 117 41.64 19.67 -21.33
N ALA A 118 41.90 18.89 -20.27
CA ALA A 118 42.58 17.60 -20.38
C ALA A 118 41.69 16.60 -21.12
N CYS A 119 40.39 16.68 -20.86
CA CYS A 119 39.41 15.80 -21.50
C CYS A 119 39.40 16.07 -23.00
N ARG A 120 39.20 17.34 -23.38
CA ARG A 120 39.17 17.69 -24.79
C ARG A 120 40.52 17.42 -25.46
N ARG A 121 41.61 17.53 -24.72
CA ARG A 121 42.94 17.25 -25.30
C ARG A 121 43.09 15.77 -25.59
N PHE A 122 42.48 14.94 -24.76
CA PHE A 122 42.53 13.51 -24.96
C PHE A 122 41.70 13.17 -26.18
N VAL A 123 40.54 13.79 -26.28
CA VAL A 123 39.64 13.56 -27.40
C VAL A 123 40.31 13.84 -28.74
N GLU A 124 40.81 15.06 -28.90
CA GLU A 124 41.47 15.44 -30.14
C GLU A 124 42.63 14.51 -30.48
N ALA A 125 43.30 13.97 -29.46
CA ALA A 125 44.41 13.07 -29.71
C ALA A 125 43.92 11.70 -30.18
N CYS A 126 42.63 11.43 -29.96
CA CYS A 126 41.99 10.17 -30.36
C CYS A 126 41.62 10.17 -31.84
N ARG A 127 41.33 11.35 -32.38
CA ARG A 127 40.95 11.47 -33.77
C ARG A 127 41.72 10.57 -34.73
N PRO A 128 43.07 10.66 -34.74
CA PRO A 128 43.90 9.84 -35.63
C PRO A 128 43.81 8.32 -35.39
N LEU A 129 43.19 7.92 -34.28
CA LEU A 129 43.06 6.50 -33.96
C LEU A 129 41.66 5.98 -34.23
N LEU A 130 40.66 6.85 -34.03
CA LEU A 130 39.27 6.48 -34.25
C LEU A 130 39.00 6.25 -35.73
N GLN B 31 21.13 -9.97 -6.28
CA GLN B 31 20.12 -10.60 -7.17
C GLN B 31 19.73 -9.63 -8.30
N ALA B 32 20.02 -8.33 -8.09
CA ALA B 32 19.71 -7.31 -9.09
C ALA B 32 20.53 -7.55 -10.35
N PRO B 33 19.98 -7.18 -11.52
CA PRO B 33 20.68 -7.37 -12.79
C PRO B 33 22.07 -6.73 -12.88
N GLU B 34 22.29 -5.61 -12.18
CA GLU B 34 23.60 -4.99 -12.21
C GLU B 34 24.60 -5.88 -11.46
N GLU B 35 24.16 -6.37 -10.31
CA GLU B 35 24.97 -7.22 -9.46
C GLU B 35 25.28 -8.55 -10.13
N ARG B 36 24.30 -9.14 -10.78
CA ARG B 36 24.54 -10.42 -11.43
C ARG B 36 25.57 -10.22 -12.53
N CYS B 37 25.48 -9.10 -13.22
CA CYS B 37 26.41 -8.79 -14.30
C CYS B 37 27.80 -8.47 -13.76
N ARG B 38 27.86 -7.77 -12.63
CA ARG B 38 29.14 -7.43 -12.02
C ARG B 38 29.83 -8.70 -11.54
N LEU B 39 29.05 -9.59 -10.93
CA LEU B 39 29.58 -10.85 -10.44
C LEU B 39 30.15 -11.64 -11.62
N ALA B 40 29.42 -11.67 -12.73
CA ALA B 40 29.87 -12.39 -13.92
C ALA B 40 31.13 -11.77 -14.50
N ALA B 41 31.23 -10.45 -14.45
CA ALA B 41 32.41 -9.74 -14.95
C ALA B 41 33.59 -10.15 -14.08
N GLN B 42 33.40 -10.21 -12.77
CA GLN B 42 34.50 -10.59 -11.88
C GLN B 42 35.03 -11.97 -12.29
N ALA B 43 34.11 -12.89 -12.51
CA ALA B 43 34.45 -14.27 -12.90
C ALA B 43 35.18 -14.27 -14.25
N CYS B 44 34.75 -13.43 -15.17
CA CYS B 44 35.42 -13.38 -16.46
C CYS B 44 36.85 -12.89 -16.24
N ILE B 45 37.04 -11.96 -15.31
CA ILE B 45 38.37 -11.43 -15.03
C ILE B 45 39.33 -12.51 -14.53
N ARG B 46 38.88 -13.29 -13.54
CA ARG B 46 39.69 -14.35 -12.99
C ARG B 46 40.08 -15.38 -14.04
N ALA B 47 39.07 -15.97 -14.70
CA ALA B 47 39.33 -16.97 -15.73
C ALA B 47 40.27 -16.43 -16.81
N CYS B 48 40.05 -15.18 -17.22
CA CYS B 48 40.92 -14.61 -18.24
C CYS B 48 42.38 -14.45 -17.78
N GLU B 49 42.59 -13.88 -16.60
CA GLU B 49 43.96 -13.70 -16.12
C GLU B 49 44.65 -15.03 -15.84
N ARG B 50 43.88 -16.02 -15.39
CA ARG B 50 44.45 -17.34 -15.12
C ARG B 50 44.89 -17.93 -16.47
N TYR B 51 44.02 -17.79 -17.45
CA TYR B 51 44.30 -18.32 -18.77
C TYR B 51 45.62 -17.83 -19.34
N LEU B 52 45.73 -16.52 -19.50
CA LEU B 52 46.94 -15.99 -20.10
C LEU B 52 48.16 -16.15 -19.20
N ALA B 53 47.93 -16.44 -17.92
CA ALA B 53 49.03 -16.64 -16.99
C ALA B 53 49.46 -18.10 -16.92
N LEU B 54 48.51 -19.02 -16.90
CA LEU B 54 48.87 -20.43 -16.80
C LEU B 54 48.95 -21.26 -18.08
N CYS B 55 48.07 -21.01 -19.05
CA CYS B 55 48.07 -21.78 -20.30
C CYS B 55 49.41 -21.65 -21.01
N THR B 56 50.10 -22.77 -21.15
CA THR B 56 51.40 -22.77 -21.79
C THR B 56 51.33 -22.92 -23.31
N GLU B 57 50.13 -23.10 -23.85
CA GLU B 57 50.02 -23.26 -25.30
C GLU B 57 49.33 -22.11 -26.01
N SER B 58 48.91 -21.10 -25.26
CA SER B 58 48.22 -19.94 -25.82
C SER B 58 49.14 -19.19 -26.78
N SER B 59 48.53 -18.45 -27.71
CA SER B 59 49.29 -17.67 -28.67
C SER B 59 49.22 -16.20 -28.30
N ARG B 60 49.94 -15.37 -29.03
CA ARG B 60 49.95 -13.94 -28.80
C ARG B 60 48.53 -13.40 -28.96
N GLU B 61 47.88 -13.81 -30.04
CA GLU B 61 46.52 -13.41 -30.36
C GLU B 61 45.56 -13.75 -29.20
N GLN B 62 45.62 -14.99 -28.73
CA GLN B 62 44.77 -15.44 -27.63
C GLN B 62 45.04 -14.71 -26.32
N ARG B 63 46.32 -14.43 -26.04
CA ARG B 63 46.68 -13.71 -24.81
C ARG B 63 46.21 -12.26 -24.93
N GLN B 64 46.27 -11.68 -26.12
CA GLN B 64 45.82 -10.30 -26.32
C GLN B 64 44.30 -10.20 -26.08
N HIS B 65 43.57 -11.23 -26.54
CA HIS B 65 42.11 -11.34 -26.38
C HIS B 65 41.71 -11.52 -24.92
N ALA B 66 42.40 -12.42 -24.21
CA ALA B 66 42.09 -12.69 -22.82
C ALA B 66 42.55 -11.54 -21.93
N GLY B 67 43.66 -10.91 -22.30
CA GLY B 67 44.17 -9.79 -21.53
C GLY B 67 43.28 -8.55 -21.65
N ASP B 68 42.84 -8.23 -22.86
CA ASP B 68 41.99 -7.07 -23.08
C ASP B 68 40.60 -7.31 -22.50
N CYS B 69 40.16 -8.57 -22.55
CA CYS B 69 38.85 -8.92 -22.02
C CYS B 69 38.84 -8.76 -20.51
N ALA B 70 39.97 -9.05 -19.88
CA ALA B 70 40.08 -8.91 -18.43
C ALA B 70 39.94 -7.44 -18.03
N ASP B 71 40.69 -6.57 -18.72
CA ASP B 71 40.65 -5.15 -18.44
C ASP B 71 39.31 -4.53 -18.80
N LEU B 72 38.67 -5.00 -19.86
CA LEU B 72 37.37 -4.48 -20.25
C LEU B 72 36.31 -4.82 -19.19
N CYS B 73 36.33 -6.06 -18.69
CA CYS B 73 35.38 -6.50 -17.69
C CYS B 73 35.59 -5.75 -16.37
N ARG B 74 36.84 -5.31 -16.17
CA ARG B 74 37.24 -4.55 -15.00
C ARG B 74 36.49 -3.23 -15.05
N LEU B 75 36.57 -2.57 -16.20
CA LEU B 75 35.91 -1.30 -16.41
C LEU B 75 34.39 -1.43 -16.18
N ALA B 76 33.79 -2.44 -16.82
CA ALA B 76 32.37 -2.71 -16.70
C ALA B 76 31.94 -2.94 -15.25
N ALA B 77 32.66 -3.82 -14.56
CA ALA B 77 32.35 -4.12 -13.19
C ALA B 77 32.41 -2.85 -12.34
N LEU B 78 33.42 -2.04 -12.59
CA LEU B 78 33.60 -0.79 -11.86
C LEU B 78 32.42 0.16 -12.04
N LEU B 79 31.92 0.31 -13.28
CA LEU B 79 30.79 1.20 -13.53
C LEU B 79 29.46 0.55 -13.10
N LEU B 80 29.43 -0.78 -13.06
CA LEU B 80 28.24 -1.51 -12.62
C LEU B 80 28.09 -1.26 -11.12
N GLU B 81 29.22 -1.35 -10.42
CA GLU B 81 29.23 -1.13 -8.97
C GLU B 81 28.69 0.24 -8.61
N ARG B 82 29.18 1.27 -9.30
CA ARG B 82 28.76 2.65 -9.04
C ARG B 82 27.38 2.96 -9.64
N ARG B 83 26.79 1.94 -10.27
CA ARG B 83 25.47 2.05 -10.87
C ARG B 83 25.46 3.25 -11.83
N SER B 84 26.59 3.43 -12.52
CA SER B 84 26.78 4.51 -13.47
C SER B 84 25.77 4.49 -14.63
N PRO B 85 25.26 5.68 -15.00
CA PRO B 85 24.30 5.72 -16.11
C PRO B 85 24.96 5.38 -17.43
N TRP B 86 26.29 5.23 -17.41
CA TRP B 86 27.08 4.91 -18.59
C TRP B 86 27.52 3.45 -18.58
N ALA B 87 27.23 2.74 -17.49
CA ALA B 87 27.63 1.34 -17.38
C ALA B 87 27.19 0.51 -18.58
N PRO B 88 25.90 0.62 -18.99
CA PRO B 88 25.47 -0.19 -20.15
C PRO B 88 26.32 -0.01 -21.40
N ALA B 89 26.77 1.20 -21.65
CA ALA B 89 27.60 1.49 -22.82
C ALA B 89 28.94 0.77 -22.67
N ALA B 90 29.45 0.69 -21.45
CA ALA B 90 30.71 0.00 -21.17
C ALA B 90 30.46 -1.50 -21.22
N CYS B 91 29.28 -1.92 -20.80
CA CYS B 91 28.96 -3.35 -20.82
C CYS B 91 28.81 -3.88 -22.23
N GLU B 92 28.30 -3.03 -23.12
CA GLU B 92 28.11 -3.39 -24.51
C GLU B 92 29.46 -3.66 -25.17
N LEU B 93 30.41 -2.77 -24.92
CA LEU B 93 31.74 -2.93 -25.49
C LEU B 93 32.42 -4.18 -24.92
N ALA B 94 32.34 -4.34 -23.60
CA ALA B 94 32.97 -5.49 -22.97
C ALA B 94 32.37 -6.81 -23.47
N ALA B 95 31.05 -6.84 -23.60
CA ALA B 95 30.36 -8.04 -24.08
C ALA B 95 30.78 -8.36 -25.52
N ARG B 96 30.92 -7.31 -26.32
CA ARG B 96 31.32 -7.48 -27.71
C ARG B 96 32.66 -8.22 -27.83
N TYR B 97 33.65 -7.84 -27.02
CA TYR B 97 34.95 -8.48 -27.08
C TYR B 97 35.04 -9.73 -26.21
N ALA B 98 34.15 -9.85 -25.23
CA ALA B 98 34.14 -11.01 -24.37
C ALA B 98 33.78 -12.24 -25.21
N LEU B 99 32.84 -12.10 -26.14
CA LEU B 99 32.50 -13.26 -26.94
C LEU B 99 33.60 -13.51 -27.95
N ALA B 100 34.28 -12.44 -28.38
CA ALA B 100 35.37 -12.61 -29.33
C ALA B 100 36.48 -13.37 -28.61
N CYS B 101 36.57 -13.21 -27.29
CA CYS B 101 37.59 -13.91 -26.52
C CYS B 101 37.14 -15.37 -26.34
N ALA B 102 35.84 -15.57 -26.12
CA ALA B 102 35.30 -16.91 -25.94
C ALA B 102 35.50 -17.72 -27.22
N GLU B 103 35.45 -17.05 -28.36
CA GLU B 103 35.64 -17.71 -29.63
C GLU B 103 37.10 -18.09 -29.85
N ARG B 104 38.00 -17.13 -29.66
CA ARG B 104 39.43 -17.40 -29.86
C ARG B 104 40.09 -18.27 -28.77
N CYS B 105 39.59 -18.20 -27.54
CA CYS B 105 40.19 -18.95 -26.45
C CYS B 105 39.54 -20.27 -26.05
N ASP B 106 38.37 -20.55 -26.61
CA ASP B 106 37.67 -21.79 -26.29
C ASP B 106 38.56 -22.99 -26.63
N GLY B 107 38.41 -24.04 -25.85
CA GLY B 107 39.18 -25.26 -26.06
C GLY B 107 38.71 -26.35 -25.12
N ASP B 108 39.21 -27.56 -25.33
CA ASP B 108 38.83 -28.68 -24.49
C ASP B 108 39.53 -28.65 -23.13
N GLU B 109 40.70 -28.03 -23.07
CA GLU B 109 41.47 -27.91 -21.82
C GLU B 109 40.69 -27.06 -20.81
N PRO B 110 40.77 -27.42 -19.53
CA PRO B 110 40.09 -26.70 -18.45
C PRO B 110 40.31 -25.19 -18.43
N LEU B 111 41.56 -24.78 -18.54
CA LEU B 111 41.90 -23.36 -18.52
C LEU B 111 41.29 -22.65 -19.73
N GLU B 112 41.04 -23.39 -20.80
CA GLU B 112 40.45 -22.83 -22.01
C GLU B 112 38.93 -22.75 -21.97
N ARG B 113 38.29 -23.77 -21.43
CA ARG B 113 36.82 -23.78 -21.33
C ARG B 113 36.36 -22.87 -20.17
N GLU B 114 37.13 -22.80 -19.10
CA GLU B 114 36.75 -21.94 -17.97
C GLU B 114 36.69 -20.51 -18.46
N CYS B 115 37.73 -20.09 -19.17
CA CYS B 115 37.77 -18.74 -19.71
C CYS B 115 36.60 -18.50 -20.66
N ALA B 116 36.52 -19.29 -21.73
CA ALA B 116 35.45 -19.16 -22.72
C ALA B 116 34.07 -19.19 -22.09
N GLY B 117 33.91 -20.02 -21.07
CA GLY B 117 32.63 -20.11 -20.40
C GLY B 117 32.31 -18.86 -19.60
N ALA B 118 33.29 -18.36 -18.86
CA ALA B 118 33.09 -17.15 -18.06
C ALA B 118 32.75 -15.98 -18.97
N CYS B 119 33.40 -15.91 -20.13
CA CYS B 119 33.12 -14.86 -21.09
C CYS B 119 31.67 -14.96 -21.58
N ARG B 120 31.24 -16.17 -21.96
CA ARG B 120 29.88 -16.40 -22.44
C ARG B 120 28.90 -15.94 -21.36
N ARG B 121 29.12 -16.42 -20.14
CA ARG B 121 28.25 -16.08 -19.02
C ARG B 121 28.14 -14.58 -18.77
N PHE B 122 29.26 -13.87 -18.93
CA PHE B 122 29.28 -12.44 -18.74
C PHE B 122 28.42 -11.77 -19.84
N VAL B 123 28.64 -12.21 -21.08
CA VAL B 123 27.89 -11.68 -22.22
C VAL B 123 26.39 -11.90 -21.97
N GLU B 124 26.05 -13.06 -21.43
CA GLU B 124 24.67 -13.39 -21.14
C GLU B 124 24.09 -12.45 -20.08
N ALA B 125 24.90 -12.12 -19.08
CA ALA B 125 24.46 -11.25 -17.99
C ALA B 125 24.25 -9.80 -18.41
N CYS B 126 24.82 -9.42 -19.55
CA CYS B 126 24.68 -8.05 -20.05
C CYS B 126 23.37 -7.79 -20.78
N ARG B 127 22.82 -8.85 -21.37
CA ARG B 127 21.58 -8.75 -22.13
C ARG B 127 20.46 -7.94 -21.45
N PRO B 128 20.15 -8.22 -20.18
CA PRO B 128 19.09 -7.48 -19.49
C PRO B 128 19.41 -6.00 -19.29
N LEU B 129 20.68 -5.63 -19.41
CA LEU B 129 21.09 -4.25 -19.21
C LEU B 129 21.34 -3.51 -20.52
N LEU B 130 20.74 -4.00 -21.60
CA LEU B 130 20.90 -3.38 -22.91
C LEU B 130 19.58 -3.32 -23.69
N GLN C 31 40.16 7.81 -4.25
CA GLN C 31 40.47 9.17 -3.70
C GLN C 31 39.24 10.07 -3.76
N ALA C 32 38.18 9.57 -4.40
CA ALA C 32 36.92 10.31 -4.51
C ALA C 32 36.32 10.47 -3.13
N PRO C 33 35.49 11.52 -2.93
CA PRO C 33 34.88 11.74 -1.62
C PRO C 33 33.92 10.62 -1.16
N GLU C 34 33.07 10.12 -2.04
CA GLU C 34 32.19 9.04 -1.64
C GLU C 34 33.01 7.82 -1.26
N GLU C 35 34.16 7.66 -1.92
CA GLU C 35 35.04 6.53 -1.66
C GLU C 35 35.77 6.63 -0.33
N ARG C 36 36.27 7.82 0.01
CA ARG C 36 36.98 7.96 1.27
C ARG C 36 36.02 7.77 2.42
N CYS C 37 34.79 8.26 2.25
CA CYS C 37 33.77 8.14 3.27
C CYS C 37 33.42 6.65 3.44
N ARG C 38 33.33 5.93 2.33
CA ARG C 38 33.03 4.51 2.41
C ARG C 38 34.19 3.79 3.13
N LEU C 39 35.43 4.12 2.80
CA LEU C 39 36.58 3.47 3.46
C LEU C 39 36.54 3.77 4.94
N ALA C 40 36.24 5.03 5.28
CA ALA C 40 36.16 5.42 6.67
C ALA C 40 34.94 4.74 7.30
N ALA C 41 33.94 4.41 6.48
CA ALA C 41 32.76 3.72 7.01
C ALA C 41 33.16 2.28 7.33
N GLN C 42 33.90 1.64 6.42
CA GLN C 42 34.33 0.28 6.65
C GLN C 42 35.27 0.16 7.83
N ALA C 43 36.05 1.20 8.09
CA ALA C 43 36.97 1.21 9.22
C ALA C 43 36.17 1.29 10.52
N CYS C 44 35.16 2.16 10.54
CA CYS C 44 34.34 2.29 11.73
C CYS C 44 33.65 0.94 12.04
N ILE C 45 33.08 0.28 11.02
CA ILE C 45 32.44 -1.02 11.23
C ILE C 45 33.40 -2.03 11.85
N ARG C 46 34.61 -2.10 11.30
CA ARG C 46 35.63 -3.02 11.81
C ARG C 46 35.98 -2.72 13.26
N ALA C 47 36.17 -1.44 13.56
CA ALA C 47 36.50 -1.05 14.93
C ALA C 47 35.31 -1.32 15.86
N CYS C 48 34.10 -1.05 15.40
CA CYS C 48 32.91 -1.29 16.22
C CYS C 48 32.68 -2.77 16.54
N GLU C 49 32.88 -3.64 15.56
CA GLU C 49 32.72 -5.08 15.75
C GLU C 49 33.79 -5.59 16.70
N ARG C 50 34.98 -5.03 16.60
CA ARG C 50 36.09 -5.43 17.46
C ARG C 50 35.81 -5.01 18.90
N TYR C 51 35.22 -3.83 19.06
CA TYR C 51 34.88 -3.32 20.38
C TYR C 51 33.81 -4.16 21.07
N LEU C 52 32.69 -4.40 20.38
CA LEU C 52 31.62 -5.19 20.99
C LEU C 52 31.90 -6.69 21.05
N ALA C 53 33.12 -7.09 20.67
CA ALA C 53 33.49 -8.50 20.71
C ALA C 53 34.65 -8.78 21.65
N LEU C 54 35.51 -7.80 21.84
CA LEU C 54 36.68 -7.98 22.71
C LEU C 54 36.67 -7.20 24.02
N CYS C 55 36.05 -6.01 24.03
CA CYS C 55 36.04 -5.22 25.25
C CYS C 55 35.21 -5.92 26.32
N THR C 56 35.78 -5.98 27.52
CA THR C 56 35.14 -6.63 28.65
C THR C 56 34.52 -5.65 29.64
N GLU C 57 34.85 -4.36 29.53
CA GLU C 57 34.31 -3.36 30.44
C GLU C 57 33.15 -2.56 29.82
N SER C 58 32.58 -3.04 28.72
CA SER C 58 31.49 -2.29 28.08
C SER C 58 30.13 -2.52 28.72
N SER C 59 29.30 -1.50 28.75
CA SER C 59 27.96 -1.64 29.30
C SER C 59 27.01 -2.00 28.15
N ARG C 60 25.79 -2.44 28.46
CA ARG C 60 24.81 -2.81 27.43
C ARG C 60 24.47 -1.61 26.53
N GLU C 61 24.56 -0.42 27.12
CA GLU C 61 24.28 0.81 26.37
C GLU C 61 25.41 1.05 25.37
N GLN C 62 26.64 0.82 25.80
CA GLN C 62 27.78 1.03 24.91
C GLN C 62 27.80 0.00 23.78
N ARG C 63 27.39 -1.23 24.09
CA ARG C 63 27.35 -2.25 23.08
C ARG C 63 26.28 -1.93 22.04
N GLN C 64 25.19 -1.29 22.46
CA GLN C 64 24.12 -0.90 21.54
C GLN C 64 24.62 0.22 20.63
N HIS C 65 25.32 1.21 21.18
CA HIS C 65 25.87 2.31 20.40
C HIS C 65 26.84 1.78 19.35
N ALA C 66 27.79 0.94 19.76
CA ALA C 66 28.77 0.41 18.83
C ALA C 66 28.12 -0.51 17.80
N GLY C 67 27.22 -1.38 18.24
CA GLY C 67 26.55 -2.29 17.33
C GLY C 67 25.64 -1.60 16.33
N ASP C 68 24.86 -0.63 16.79
CA ASP C 68 23.96 0.10 15.90
C ASP C 68 24.78 0.97 14.95
N CYS C 69 25.85 1.54 15.47
CA CYS C 69 26.71 2.37 14.66
C CYS C 69 27.24 1.54 13.49
N ALA C 70 27.66 0.31 13.78
CA ALA C 70 28.16 -0.58 12.74
C ALA C 70 27.12 -0.78 11.64
N ASP C 71 25.90 -1.10 12.03
CA ASP C 71 24.82 -1.30 11.07
C ASP C 71 24.55 -0.03 10.26
N LEU C 72 24.60 1.12 10.92
CA LEU C 72 24.38 2.38 10.26
C LEU C 72 25.48 2.65 9.22
N CYS C 73 26.72 2.28 9.54
CA CYS C 73 27.83 2.48 8.59
C CYS C 73 27.75 1.47 7.45
N ARG C 74 27.08 0.36 7.71
CA ARG C 74 26.91 -0.68 6.71
C ARG C 74 26.03 -0.10 5.61
N LEU C 75 24.91 0.48 6.01
CA LEU C 75 23.97 1.08 5.08
C LEU C 75 24.62 2.22 4.30
N ALA C 76 25.29 3.13 5.01
CA ALA C 76 25.93 4.23 4.34
C ALA C 76 26.92 3.69 3.32
N ALA C 77 27.79 2.78 3.76
CA ALA C 77 28.79 2.19 2.86
C ALA C 77 28.19 1.69 1.56
N LEU C 78 27.05 1.01 1.68
CA LEU C 78 26.35 0.45 0.54
C LEU C 78 25.85 1.50 -0.43
N LEU C 79 25.14 2.51 0.09
CA LEU C 79 24.63 3.56 -0.78
C LEU C 79 25.79 4.35 -1.34
N LEU C 80 26.89 4.41 -0.62
CA LEU C 80 28.05 5.14 -1.13
C LEU C 80 28.61 4.44 -2.37
N GLU C 81 28.85 3.14 -2.25
CA GLU C 81 29.37 2.31 -3.35
C GLU C 81 28.51 2.40 -4.63
N ARG C 82 27.19 2.44 -4.47
CA ARG C 82 26.29 2.52 -5.60
C ARG C 82 26.04 3.96 -6.03
N ARG C 83 26.75 4.88 -5.39
CA ARG C 83 26.61 6.31 -5.69
C ARG C 83 25.14 6.70 -5.71
N SER C 84 24.41 6.28 -4.68
CA SER C 84 22.99 6.57 -4.59
C SER C 84 22.73 8.04 -4.25
N PRO C 85 21.70 8.64 -4.88
CA PRO C 85 21.37 10.04 -4.60
C PRO C 85 20.86 10.20 -3.16
N TRP C 86 20.55 9.08 -2.52
CA TRP C 86 20.07 9.07 -1.14
C TRP C 86 21.21 8.77 -0.19
N ALA C 87 22.41 8.64 -0.73
CA ALA C 87 23.54 8.35 0.13
C ALA C 87 23.80 9.48 1.15
N PRO C 88 23.77 10.74 0.70
CA PRO C 88 24.02 11.80 1.68
C PRO C 88 23.10 11.78 2.91
N ALA C 89 21.85 11.39 2.70
CA ALA C 89 20.91 11.32 3.82
C ALA C 89 21.29 10.18 4.75
N ALA C 90 21.74 9.05 4.19
CA ALA C 90 22.17 7.91 5.00
C ALA C 90 23.43 8.31 5.76
N CYS C 91 24.28 9.12 5.13
CA CYS C 91 25.49 9.58 5.78
C CYS C 91 25.16 10.53 6.94
N GLU C 92 24.11 11.33 6.77
CA GLU C 92 23.67 12.28 7.78
C GLU C 92 23.26 11.51 9.04
N LEU C 93 22.45 10.48 8.86
CA LEU C 93 21.99 9.67 9.97
C LEU C 93 23.17 8.94 10.62
N ALA C 94 24.04 8.37 9.78
CA ALA C 94 25.18 7.63 10.33
C ALA C 94 26.19 8.50 11.05
N ALA C 95 26.55 9.63 10.44
CA ALA C 95 27.51 10.52 11.08
C ALA C 95 26.96 10.95 12.43
N ARG C 96 25.67 11.26 12.47
CA ARG C 96 25.05 11.70 13.70
C ARG C 96 25.28 10.70 14.83
N TYR C 97 24.87 9.45 14.63
CA TYR C 97 25.04 8.43 15.65
C TYR C 97 26.48 7.94 15.82
N ALA C 98 27.33 8.19 14.84
CA ALA C 98 28.71 7.75 14.97
C ALA C 98 29.37 8.61 16.04
N LEU C 99 29.06 9.91 16.06
CA LEU C 99 29.70 10.72 17.07
C LEU C 99 29.12 10.38 18.44
N ALA C 100 27.82 10.08 18.50
CA ALA C 100 27.19 9.70 19.76
C ALA C 100 27.89 8.44 20.28
N CYS C 101 28.16 7.51 19.39
CA CYS C 101 28.85 6.28 19.75
C CYS C 101 30.27 6.65 20.22
N ALA C 102 30.92 7.53 19.47
CA ALA C 102 32.28 7.98 19.80
C ALA C 102 32.43 8.57 21.19
N GLU C 103 31.48 9.40 21.60
CA GLU C 103 31.57 10.02 22.91
C GLU C 103 31.21 9.00 23.99
N ARG C 104 30.29 8.10 23.67
CA ARG C 104 29.89 7.11 24.66
C ARG C 104 30.81 5.91 24.80
N CYS C 105 31.59 5.59 23.75
CA CYS C 105 32.47 4.43 23.82
C CYS C 105 33.95 4.74 23.94
N ASP C 106 34.28 6.02 24.07
CA ASP C 106 35.68 6.42 24.18
C ASP C 106 36.18 6.03 25.56
N GLY C 107 37.44 5.60 25.63
CA GLY C 107 38.03 5.21 26.90
C GLY C 107 39.55 5.25 26.87
N ASP C 108 40.18 4.62 27.85
CA ASP C 108 41.63 4.59 27.92
C ASP C 108 42.21 3.44 27.11
N GLU C 109 41.56 2.29 27.20
CA GLU C 109 41.99 1.10 26.47
C GLU C 109 41.95 1.31 24.97
N PRO C 110 42.88 0.68 24.25
CA PRO C 110 42.95 0.80 22.79
C PRO C 110 41.63 0.48 22.07
N LEU C 111 41.01 -0.67 22.36
CA LEU C 111 39.75 -1.03 21.72
C LEU C 111 38.72 0.11 21.79
N GLU C 112 38.66 0.74 22.96
CA GLU C 112 37.73 1.85 23.20
C GLU C 112 38.14 3.09 22.42
N ARG C 113 39.43 3.41 22.49
CA ARG C 113 39.99 4.57 21.82
C ARG C 113 39.95 4.40 20.29
N GLU C 114 40.15 3.17 19.83
CA GLU C 114 40.13 2.88 18.40
C GLU C 114 38.72 2.96 17.83
N CYS C 115 37.74 2.62 18.66
CA CYS C 115 36.34 2.67 18.25
C CYS C 115 35.90 4.13 18.16
N ALA C 116 36.35 4.93 19.12
CA ALA C 116 36.02 6.35 19.14
C ALA C 116 36.68 7.07 17.97
N GLY C 117 37.93 6.69 17.69
CA GLY C 117 38.66 7.31 16.60
C GLY C 117 38.02 7.08 15.24
N ALA C 118 37.73 5.81 14.94
CA ALA C 118 37.11 5.45 13.67
C ALA C 118 35.80 6.21 13.48
N CYS C 119 35.01 6.34 14.54
CA CYS C 119 33.75 7.07 14.44
C CYS C 119 34.01 8.53 14.07
N ARG C 120 34.86 9.22 14.83
CA ARG C 120 35.17 10.62 14.53
C ARG C 120 35.65 10.72 13.08
N ARG C 121 36.53 9.82 12.68
CA ARG C 121 37.05 9.84 11.31
C ARG C 121 35.96 9.68 10.25
N PHE C 122 34.94 8.87 10.56
CA PHE C 122 33.85 8.68 9.62
C PHE C 122 33.02 9.96 9.52
N VAL C 123 32.70 10.55 10.67
CA VAL C 123 31.93 11.79 10.72
C VAL C 123 32.65 12.87 9.92
N GLU C 124 33.96 12.96 10.09
CA GLU C 124 34.75 13.94 9.36
C GLU C 124 34.73 13.67 7.85
N ALA C 125 34.59 12.40 7.48
CA ALA C 125 34.59 12.05 6.06
C ALA C 125 33.23 12.27 5.39
N CYS C 126 32.19 12.49 6.20
CA CYS C 126 30.84 12.74 5.70
C CYS C 126 30.59 14.23 5.49
N ARG C 127 31.49 15.07 5.98
CA ARG C 127 31.30 16.51 5.83
C ARG C 127 31.17 16.95 4.37
N PRO C 128 32.14 16.57 3.52
CA PRO C 128 32.08 16.96 2.11
C PRO C 128 30.87 16.43 1.31
N LEU C 129 30.16 15.46 1.86
CA LEU C 129 28.99 14.90 1.20
C LEU C 129 27.69 15.33 1.85
N LEU C 130 27.75 15.69 3.14
CA LEU C 130 26.56 16.09 3.86
C LEU C 130 25.94 17.37 3.30
N PRO C 131 24.60 17.37 3.12
CA PRO C 131 23.88 18.52 2.60
C PRO C 131 23.77 19.63 3.65
N GLN D 31 3.04 -9.14 18.37
CA GLN D 31 1.92 -8.22 18.02
C GLN D 31 2.31 -6.79 18.36
N ALA D 32 3.45 -6.64 19.01
CA ALA D 32 3.96 -5.31 19.37
C ALA D 32 4.19 -4.50 18.10
N PRO D 33 4.12 -3.16 18.20
CA PRO D 33 4.34 -2.33 17.02
C PRO D 33 5.69 -2.57 16.35
N GLU D 34 6.75 -2.67 17.15
CA GLU D 34 8.05 -2.89 16.56
C GLU D 34 8.10 -4.22 15.81
N GLU D 35 7.26 -5.18 16.20
CA GLU D 35 7.25 -6.48 15.53
C GLU D 35 6.54 -6.43 14.19
N ARG D 36 5.38 -5.81 14.15
CA ARG D 36 4.66 -5.73 12.88
C ARG D 36 5.46 -4.86 11.89
N CYS D 37 6.10 -3.80 12.39
CA CYS D 37 6.90 -2.95 11.52
C CYS D 37 8.06 -3.76 10.95
N ARG D 38 8.66 -4.60 11.78
CA ARG D 38 9.77 -5.45 11.36
C ARG D 38 9.24 -6.44 10.34
N LEU D 39 8.06 -7.00 10.59
CA LEU D 39 7.45 -7.94 9.65
C LEU D 39 7.22 -7.20 8.34
N ALA D 40 6.70 -5.98 8.43
CA ALA D 40 6.45 -5.19 7.22
C ALA D 40 7.77 -4.95 6.47
N ALA D 41 8.82 -4.60 7.21
CA ALA D 41 10.13 -4.38 6.59
C ALA D 41 10.56 -5.63 5.82
N GLN D 42 10.42 -6.80 6.45
CA GLN D 42 10.80 -8.03 5.80
C GLN D 42 10.03 -8.30 4.51
N ALA D 43 8.72 -8.10 4.53
CA ALA D 43 7.92 -8.32 3.33
C ALA D 43 8.30 -7.29 2.28
N CYS D 44 8.60 -6.06 2.69
CA CYS D 44 8.97 -5.03 1.73
C CYS D 44 10.25 -5.45 1.02
N ILE D 45 11.22 -5.87 1.82
CA ILE D 45 12.49 -6.33 1.30
C ILE D 45 12.31 -7.44 0.28
N ARG D 46 11.43 -8.40 0.56
CA ARG D 46 11.25 -9.48 -0.39
C ARG D 46 10.57 -8.99 -1.66
N ALA D 47 9.64 -8.06 -1.51
CA ALA D 47 8.92 -7.51 -2.66
C ALA D 47 9.90 -6.68 -3.50
N CYS D 48 10.77 -5.91 -2.85
CA CYS D 48 11.74 -5.11 -3.58
C CYS D 48 12.73 -6.00 -4.31
N GLU D 49 13.29 -6.96 -3.59
CA GLU D 49 14.28 -7.86 -4.18
C GLU D 49 13.70 -8.62 -5.37
N ARG D 50 12.45 -9.02 -5.24
CA ARG D 50 11.77 -9.76 -6.29
C ARG D 50 11.57 -8.83 -7.48
N TYR D 51 11.25 -7.58 -7.18
CA TYR D 51 11.04 -6.57 -8.21
C TYR D 51 12.31 -6.32 -9.01
N LEU D 52 13.38 -5.89 -8.35
CA LEU D 52 14.60 -5.60 -9.07
C LEU D 52 15.35 -6.87 -9.42
N ALA D 53 14.61 -7.93 -9.71
CA ALA D 53 15.23 -9.20 -10.06
C ALA D 53 14.44 -9.89 -11.16
N LEU D 54 13.16 -9.60 -11.25
CA LEU D 54 12.30 -10.22 -12.25
C LEU D 54 11.66 -9.22 -13.19
N CYS D 55 11.24 -8.07 -12.67
CA CYS D 55 10.61 -7.07 -13.52
C CYS D 55 11.50 -6.71 -14.71
N THR D 56 11.03 -7.01 -15.91
CA THR D 56 11.80 -6.75 -17.12
C THR D 56 11.77 -5.32 -17.61
N GLU D 57 10.69 -4.61 -17.32
CA GLU D 57 10.58 -3.23 -17.75
C GLU D 57 10.86 -2.22 -16.63
N SER D 58 11.95 -2.43 -15.89
CA SER D 58 12.32 -1.50 -14.82
C SER D 58 13.39 -0.54 -15.31
N SER D 59 13.40 0.68 -14.79
CA SER D 59 14.42 1.62 -15.21
C SER D 59 15.58 1.63 -14.21
N ARG D 60 16.61 2.39 -14.53
CA ARG D 60 17.78 2.53 -13.67
C ARG D 60 17.35 3.18 -12.35
N GLU D 61 16.52 4.22 -12.43
CA GLU D 61 16.04 4.92 -11.25
C GLU D 61 15.19 4.02 -10.34
N GLN D 62 14.24 3.30 -10.92
CA GLN D 62 13.38 2.42 -10.13
C GLN D 62 14.23 1.33 -9.47
N ARG D 63 15.25 0.84 -10.17
CA ARG D 63 16.09 -0.18 -9.56
C ARG D 63 16.88 0.41 -8.41
N GLN D 64 17.20 1.69 -8.50
CA GLN D 64 17.94 2.38 -7.44
C GLN D 64 17.03 2.59 -6.23
N HIS D 65 15.76 2.90 -6.51
CA HIS D 65 14.76 3.10 -5.45
C HIS D 65 14.49 1.77 -4.73
N ALA D 66 14.18 0.72 -5.49
CA ALA D 66 13.92 -0.58 -4.89
C ALA D 66 15.12 -1.13 -4.14
N GLY D 67 16.31 -0.90 -4.70
CA GLY D 67 17.52 -1.38 -4.07
C GLY D 67 17.88 -0.60 -2.81
N ASP D 68 17.75 0.73 -2.85
CA ASP D 68 18.07 1.49 -1.66
C ASP D 68 17.01 1.28 -0.58
N CYS D 69 15.80 1.00 -1.01
CA CYS D 69 14.70 0.75 -0.10
C CYS D 69 14.98 -0.58 0.61
N ALA D 70 15.35 -1.61 -0.14
CA ALA D 70 15.62 -2.91 0.47
C ALA D 70 16.68 -2.84 1.59
N ASP D 71 17.76 -2.08 1.36
CA ASP D 71 18.80 -1.95 2.37
C ASP D 71 18.30 -1.14 3.55
N LEU D 72 17.50 -0.12 3.27
CA LEU D 72 16.94 0.71 4.32
C LEU D 72 16.02 -0.12 5.24
N CYS D 73 15.20 -1.00 4.66
CA CYS D 73 14.29 -1.84 5.45
C CYS D 73 15.04 -2.86 6.30
N ARG D 74 16.15 -3.32 5.73
CA ARG D 74 17.02 -4.27 6.38
C ARG D 74 17.60 -3.59 7.62
N LEU D 75 18.13 -2.37 7.48
CA LEU D 75 18.69 -1.68 8.63
C LEU D 75 17.59 -1.47 9.68
N ALA D 76 16.43 -1.02 9.22
CA ALA D 76 15.29 -0.77 10.10
C ALA D 76 14.92 -2.02 10.86
N ALA D 77 14.68 -3.10 10.12
CA ALA D 77 14.31 -4.36 10.71
C ALA D 77 15.33 -4.80 11.76
N LEU D 78 16.62 -4.55 11.50
CA LEU D 78 17.68 -4.93 12.45
C LEU D 78 17.60 -4.17 13.77
N LEU D 79 17.46 -2.85 13.70
CA LEU D 79 17.36 -2.04 14.91
C LEU D 79 16.04 -2.26 15.62
N LEU D 80 15.05 -2.74 14.88
CA LEU D 80 13.75 -3.00 15.48
C LEU D 80 13.81 -4.32 16.25
N GLU D 81 14.55 -5.28 15.70
CA GLU D 81 14.69 -6.56 16.33
C GLU D 81 15.38 -6.39 17.67
N ARG D 82 16.40 -5.54 17.70
CA ARG D 82 17.14 -5.29 18.93
C ARG D 82 16.48 -4.25 19.84
N ARG D 83 15.26 -3.83 19.48
CA ARG D 83 14.51 -2.84 20.27
C ARG D 83 15.43 -1.68 20.62
N SER D 84 16.12 -1.20 19.60
CA SER D 84 17.07 -0.12 19.73
C SER D 84 16.40 1.25 19.88
N PRO D 85 16.96 2.10 20.75
CA PRO D 85 16.37 3.43 20.93
C PRO D 85 16.57 4.28 19.67
N TRP D 86 17.44 3.82 18.77
CA TRP D 86 17.68 4.57 17.54
C TRP D 86 16.82 4.05 16.39
N ALA D 87 16.01 3.03 16.66
CA ALA D 87 15.16 2.44 15.63
C ALA D 87 14.23 3.46 14.96
N PRO D 88 13.51 4.26 15.76
CA PRO D 88 12.62 5.24 15.15
C PRO D 88 13.31 6.18 14.16
N ALA D 89 14.52 6.65 14.50
CA ALA D 89 15.24 7.52 13.58
C ALA D 89 15.56 6.77 12.29
N ALA D 90 15.79 5.47 12.40
CA ALA D 90 16.07 4.69 11.20
C ALA D 90 14.77 4.47 10.45
N CYS D 91 13.69 4.21 11.18
CA CYS D 91 12.40 3.98 10.54
C CYS D 91 11.95 5.23 9.81
N GLU D 92 12.25 6.39 10.38
CA GLU D 92 11.91 7.66 9.79
C GLU D 92 12.54 7.76 8.41
N LEU D 93 13.86 7.56 8.35
CA LEU D 93 14.61 7.62 7.08
C LEU D 93 14.08 6.58 6.10
N ALA D 94 13.91 5.35 6.58
CA ALA D 94 13.40 4.28 5.73
C ALA D 94 11.97 4.57 5.24
N ALA D 95 11.09 5.01 6.13
CA ALA D 95 9.71 5.30 5.72
C ALA D 95 9.69 6.35 4.62
N ARG D 96 10.49 7.40 4.79
CA ARG D 96 10.58 8.47 3.82
C ARG D 96 10.86 7.97 2.41
N TYR D 97 11.92 7.17 2.23
CA TYR D 97 12.23 6.68 0.90
C TYR D 97 11.44 5.46 0.49
N ALA D 98 10.77 4.85 1.46
CA ALA D 98 9.95 3.69 1.15
C ALA D 98 8.79 4.14 0.26
N LEU D 99 8.13 5.24 0.60
CA LEU D 99 7.01 5.69 -0.21
C LEU D 99 7.47 6.25 -1.55
N ALA D 100 8.65 6.85 -1.57
CA ALA D 100 9.19 7.38 -2.83
C ALA D 100 9.39 6.18 -3.76
N CYS D 101 9.80 5.04 -3.19
CA CYS D 101 9.98 3.83 -3.99
C CYS D 101 8.61 3.37 -4.48
N ALA D 102 7.61 3.45 -3.60
CA ALA D 102 6.26 3.04 -3.94
C ALA D 102 5.69 3.89 -5.07
N GLU D 103 5.99 5.18 -5.06
CA GLU D 103 5.49 6.06 -6.10
C GLU D 103 6.15 5.78 -7.44
N ARG D 104 7.47 5.69 -7.45
CA ARG D 104 8.21 5.44 -8.68
C ARG D 104 8.09 4.00 -9.18
N CYS D 105 7.85 3.06 -8.27
CA CYS D 105 7.75 1.66 -8.66
C CYS D 105 6.32 1.13 -8.81
N ASP D 106 5.33 1.97 -8.51
CA ASP D 106 3.93 1.57 -8.62
C ASP D 106 3.63 1.40 -10.11
N GLY D 107 3.01 0.27 -10.45
CA GLY D 107 2.68 0.00 -11.84
C GLY D 107 1.50 -0.96 -11.99
N ASP D 108 1.21 -1.35 -13.22
CA ASP D 108 0.11 -2.27 -13.48
C ASP D 108 0.53 -3.73 -13.30
N GLU D 109 1.73 -4.07 -13.74
CA GLU D 109 2.24 -5.43 -13.61
C GLU D 109 2.30 -5.81 -12.14
N PRO D 110 2.01 -7.09 -11.82
CA PRO D 110 2.01 -7.61 -10.46
C PRO D 110 3.21 -7.25 -9.57
N LEU D 111 4.42 -7.55 -10.02
CA LEU D 111 5.62 -7.24 -9.25
C LEU D 111 5.72 -5.75 -8.97
N GLU D 112 5.12 -4.94 -9.82
CA GLU D 112 5.14 -3.49 -9.66
C GLU D 112 4.22 -3.05 -8.53
N ARG D 113 2.98 -3.54 -8.55
CA ARG D 113 2.00 -3.19 -7.54
C ARG D 113 2.39 -3.85 -6.22
N GLU D 114 2.98 -5.03 -6.30
CA GLU D 114 3.41 -5.77 -5.12
C GLU D 114 4.52 -5.02 -4.41
N CYS D 115 5.43 -4.44 -5.20
CA CYS D 115 6.53 -3.70 -4.62
C CYS D 115 6.05 -2.42 -3.93
N ALA D 116 5.26 -1.61 -4.62
CA ALA D 116 4.76 -0.37 -4.03
C ALA D 116 3.83 -0.68 -2.86
N GLY D 117 3.08 -1.76 -2.99
CA GLY D 117 2.17 -2.15 -1.93
C GLY D 117 2.93 -2.47 -0.65
N ALA D 118 4.00 -3.25 -0.77
CA ALA D 118 4.78 -3.61 0.41
C ALA D 118 5.46 -2.38 1.02
N CYS D 119 5.92 -1.46 0.19
CA CYS D 119 6.55 -0.25 0.70
C CYS D 119 5.54 0.51 1.57
N ARG D 120 4.35 0.76 1.01
CA ARG D 120 3.29 1.47 1.73
C ARG D 120 2.93 0.79 3.04
N ARG D 121 2.83 -0.53 3.03
CA ARG D 121 2.50 -1.24 4.26
C ARG D 121 3.57 -0.89 5.30
N PHE D 122 4.84 -0.92 4.88
CA PHE D 122 5.95 -0.59 5.77
C PHE D 122 5.82 0.85 6.28
N VAL D 123 5.60 1.79 5.38
CA VAL D 123 5.43 3.19 5.79
C VAL D 123 4.39 3.33 6.90
N GLU D 124 3.24 2.68 6.72
CA GLU D 124 2.16 2.76 7.70
C GLU D 124 2.47 2.12 9.05
N ALA D 125 3.35 1.13 9.06
CA ALA D 125 3.72 0.46 10.31
C ALA D 125 4.83 1.22 11.05
N CYS D 126 5.47 2.16 10.36
CA CYS D 126 6.53 2.99 10.95
C CYS D 126 5.96 4.17 11.77
N ARG D 127 4.94 4.83 11.25
CA ARG D 127 4.35 6.00 11.92
C ARG D 127 3.99 5.87 13.40
N PRO D 128 3.35 4.75 13.77
CA PRO D 128 2.99 4.58 15.19
C PRO D 128 4.23 4.50 16.07
N LEU D 129 5.41 4.69 15.46
CA LEU D 129 6.66 4.63 16.18
C LEU D 129 7.50 5.88 16.02
N LEU D 130 7.32 6.56 14.89
CA LEU D 130 8.09 7.76 14.60
C LEU D 130 7.94 8.82 15.68
N GLN E 31 -1.93 16.34 -10.77
CA GLN E 31 -0.63 17.00 -10.38
C GLN E 31 -0.74 17.68 -9.02
N ALA E 32 -1.80 18.45 -8.84
CA ALA E 32 -2.03 19.16 -7.58
C ALA E 32 -2.43 18.15 -6.50
N PRO E 33 -1.99 18.37 -5.25
CA PRO E 33 -2.33 17.43 -4.17
C PRO E 33 -3.80 17.05 -4.06
N GLU E 34 -4.70 18.00 -4.31
CA GLU E 34 -6.11 17.68 -4.24
C GLU E 34 -6.49 16.68 -5.32
N GLU E 35 -5.84 16.81 -6.47
CA GLU E 35 -6.09 15.94 -7.62
C GLU E 35 -5.53 14.54 -7.40
N ARG E 36 -4.34 14.46 -6.82
CA ARG E 36 -3.73 13.17 -6.57
C ARG E 36 -4.57 12.39 -5.57
N CYS E 37 -5.05 13.10 -4.56
CA CYS E 37 -5.85 12.50 -3.52
C CYS E 37 -7.13 11.96 -4.10
N ARG E 38 -7.76 12.73 -4.98
CA ARG E 38 -8.99 12.31 -5.60
C ARG E 38 -8.72 11.11 -6.50
N LEU E 39 -7.62 11.15 -7.23
CA LEU E 39 -7.24 10.05 -8.10
C LEU E 39 -7.08 8.78 -7.25
N ALA E 40 -6.41 8.91 -6.10
CA ALA E 40 -6.23 7.76 -5.22
C ALA E 40 -7.57 7.32 -4.63
N ALA E 41 -8.45 8.28 -4.34
CA ALA E 41 -9.75 7.93 -3.79
C ALA E 41 -10.52 7.08 -4.81
N GLN E 42 -10.47 7.46 -6.08
CA GLN E 42 -11.16 6.68 -7.10
C GLN E 42 -10.58 5.28 -7.23
N ALA E 43 -9.26 5.17 -7.15
CA ALA E 43 -8.60 3.88 -7.25
C ALA E 43 -8.99 3.01 -6.09
N CYS E 44 -9.13 3.64 -4.92
CA CYS E 44 -9.50 2.92 -3.72
C CYS E 44 -10.94 2.38 -3.81
N ILE E 45 -11.83 3.21 -4.34
CA ILE E 45 -13.23 2.87 -4.52
C ILE E 45 -13.39 1.68 -5.48
N ARG E 46 -12.61 1.69 -6.55
CA ARG E 46 -12.64 0.63 -7.55
C ARG E 46 -12.16 -0.70 -6.97
N ALA E 47 -11.04 -0.66 -6.25
CA ALA E 47 -10.48 -1.88 -5.67
C ALA E 47 -11.35 -2.41 -4.54
N CYS E 48 -12.01 -1.50 -3.81
CA CYS E 48 -12.87 -1.89 -2.71
C CYS E 48 -14.13 -2.59 -3.21
N GLU E 49 -14.70 -2.08 -4.30
CA GLU E 49 -15.91 -2.67 -4.87
C GLU E 49 -15.62 -4.03 -5.46
N ARG E 50 -14.60 -4.05 -6.31
CA ARG E 50 -14.16 -5.26 -6.96
C ARG E 50 -13.89 -6.31 -5.87
N TYR E 51 -13.33 -5.84 -4.76
CA TYR E 51 -13.02 -6.73 -3.64
C TYR E 51 -14.27 -7.34 -3.03
N LEU E 52 -15.10 -6.51 -2.41
CA LEU E 52 -16.29 -7.04 -1.79
C LEU E 52 -17.24 -7.69 -2.80
N ALA E 53 -17.02 -7.45 -4.08
CA ALA E 53 -17.88 -8.05 -5.10
C ALA E 53 -17.34 -9.36 -5.67
N LEU E 54 -16.03 -9.59 -5.56
CA LEU E 54 -15.39 -10.80 -6.10
C LEU E 54 -14.74 -11.75 -5.10
N CYS E 55 -14.10 -11.20 -4.07
CA CYS E 55 -13.45 -12.04 -3.06
C CYS E 55 -14.46 -13.01 -2.43
N THR E 56 -14.10 -14.29 -2.32
CA THR E 56 -15.01 -15.27 -1.75
C THR E 56 -14.68 -15.68 -0.32
N GLU E 57 -13.51 -15.27 0.16
CA GLU E 57 -13.09 -15.60 1.52
C GLU E 57 -13.25 -14.43 2.49
N SER E 58 -14.04 -13.44 2.08
CA SER E 58 -14.26 -12.26 2.91
C SER E 58 -15.34 -12.47 3.98
N SER E 59 -15.08 -11.97 5.18
CA SER E 59 -16.03 -12.08 6.28
C SER E 59 -16.98 -10.89 6.24
N ARG E 60 -17.90 -10.82 7.20
CA ARG E 60 -18.85 -9.73 7.27
C ARG E 60 -18.14 -8.44 7.68
N GLU E 61 -17.26 -8.55 8.68
CA GLU E 61 -16.49 -7.42 9.18
C GLU E 61 -15.64 -6.80 8.05
N GLN E 62 -15.00 -7.67 7.27
CA GLN E 62 -14.16 -7.21 6.17
C GLN E 62 -14.97 -6.50 5.09
N ARG E 63 -16.14 -7.06 4.76
CA ARG E 63 -17.00 -6.47 3.75
C ARG E 63 -17.52 -5.10 4.19
N GLN E 64 -17.72 -4.97 5.50
CA GLN E 64 -18.17 -3.73 6.10
C GLN E 64 -17.03 -2.71 6.04
N HIS E 65 -15.81 -3.20 6.20
CA HIS E 65 -14.65 -2.32 6.17
C HIS E 65 -14.47 -1.74 4.76
N ALA E 66 -14.45 -2.61 3.77
CA ALA E 66 -14.27 -2.19 2.38
C ALA E 66 -15.46 -1.36 1.89
N GLY E 67 -16.66 -1.76 2.29
CA GLY E 67 -17.84 -1.04 1.86
C GLY E 67 -17.95 0.38 2.38
N ASP E 68 -17.66 0.55 3.66
CA ASP E 68 -17.73 1.87 4.27
C ASP E 68 -16.60 2.74 3.74
N CYS E 69 -15.46 2.12 3.50
CA CYS E 69 -14.30 2.82 2.98
C CYS E 69 -14.62 3.38 1.60
N ALA E 70 -15.30 2.59 0.76
CA ALA E 70 -15.68 3.03 -0.58
C ALA E 70 -16.59 4.25 -0.50
N ASP E 71 -17.53 4.25 0.44
CA ASP E 71 -18.41 5.39 0.58
C ASP E 71 -17.65 6.61 1.10
N LEU E 72 -16.73 6.40 2.04
CA LEU E 72 -15.96 7.51 2.58
C LEU E 72 -15.10 8.17 1.49
N CYS E 73 -14.49 7.31 0.67
CA CYS E 73 -13.64 7.76 -0.42
C CYS E 73 -14.48 8.50 -1.46
N ARG E 74 -15.70 8.03 -1.62
CA ARG E 74 -16.65 8.62 -2.55
C ARG E 74 -16.93 10.05 -2.05
N LEU E 75 -17.16 10.21 -0.76
CA LEU E 75 -17.41 11.54 -0.19
C LEU E 75 -16.19 12.45 -0.33
N ALA E 76 -15.02 11.91 0.01
CA ALA E 76 -13.77 12.66 -0.06
C ALA E 76 -13.48 13.13 -1.47
N ALA E 77 -13.74 12.27 -2.44
CA ALA E 77 -13.49 12.61 -3.84
C ALA E 77 -14.39 13.74 -4.33
N LEU E 78 -15.63 13.76 -3.86
CA LEU E 78 -16.59 14.81 -4.24
C LEU E 78 -16.15 16.17 -3.70
N LEU E 79 -15.79 16.21 -2.41
CA LEU E 79 -15.35 17.43 -1.78
C LEU E 79 -14.03 17.91 -2.37
N LEU E 80 -13.19 16.98 -2.78
CA LEU E 80 -11.91 17.37 -3.37
C LEU E 80 -12.13 17.95 -4.76
N GLU E 81 -12.98 17.29 -5.54
CA GLU E 81 -13.31 17.73 -6.89
C GLU E 81 -13.77 19.18 -6.84
N ARG E 82 -14.64 19.51 -5.89
CA ARG E 82 -15.15 20.87 -5.74
C ARG E 82 -14.23 21.76 -4.92
N ARG E 83 -13.04 21.25 -4.58
CA ARG E 83 -12.07 22.00 -3.80
C ARG E 83 -12.74 22.63 -2.57
N SER E 84 -13.49 21.83 -1.83
CA SER E 84 -14.20 22.32 -0.67
C SER E 84 -13.31 22.68 0.52
N PRO E 85 -13.72 23.68 1.32
CA PRO E 85 -12.91 24.07 2.49
C PRO E 85 -13.08 23.02 3.58
N TRP E 86 -14.01 22.10 3.38
CA TRP E 86 -14.24 21.02 4.33
C TRP E 86 -13.64 19.70 3.86
N ALA E 87 -12.92 19.71 2.75
CA ALA E 87 -12.30 18.48 2.26
C ALA E 87 -11.38 17.81 3.28
N PRO E 88 -10.38 18.55 3.80
CA PRO E 88 -9.45 17.95 4.77
C PRO E 88 -10.10 17.18 5.92
N ALA E 89 -11.16 17.73 6.48
CA ALA E 89 -11.86 17.05 7.57
C ALA E 89 -12.48 15.75 7.03
N ALA E 90 -12.88 15.75 5.76
CA ALA E 90 -13.46 14.57 5.17
C ALA E 90 -12.34 13.55 4.96
N CYS E 91 -11.22 14.00 4.40
CA CYS E 91 -10.12 13.11 4.14
C CYS E 91 -9.55 12.54 5.44
N GLU E 92 -9.50 13.38 6.46
CA GLU E 92 -8.99 12.96 7.76
C GLU E 92 -9.80 11.73 8.21
N LEU E 93 -11.12 11.80 8.04
CA LEU E 93 -11.99 10.70 8.43
C LEU E 93 -11.83 9.51 7.49
N ALA E 94 -11.83 9.78 6.20
CA ALA E 94 -11.68 8.72 5.22
C ALA E 94 -10.34 8.00 5.37
N ALA E 95 -9.27 8.76 5.55
CA ALA E 95 -7.94 8.19 5.70
C ALA E 95 -7.87 7.27 6.93
N ARG E 96 -8.41 7.74 8.04
CA ARG E 96 -8.39 6.97 9.27
C ARG E 96 -9.01 5.58 9.08
N TYR E 97 -10.18 5.54 8.46
CA TYR E 97 -10.84 4.26 8.26
C TYR E 97 -10.32 3.50 7.06
N ALA E 98 -9.60 4.18 6.18
CA ALA E 98 -9.05 3.51 5.01
C ALA E 98 -7.92 2.59 5.43
N LEU E 99 -7.08 3.04 6.35
CA LEU E 99 -5.99 2.16 6.76
C LEU E 99 -6.54 1.04 7.63
N ALA E 100 -7.61 1.33 8.37
CA ALA E 100 -8.25 0.31 9.21
C ALA E 100 -8.71 -0.77 8.24
N CYS E 101 -9.28 -0.36 7.12
CA CYS E 101 -9.74 -1.30 6.11
C CYS E 101 -8.54 -2.04 5.52
N ALA E 102 -7.42 -1.34 5.37
CA ALA E 102 -6.20 -1.95 4.82
C ALA E 102 -5.72 -3.10 5.72
N GLU E 103 -5.60 -2.83 7.01
CA GLU E 103 -5.16 -3.85 7.95
C GLU E 103 -6.08 -5.08 7.92
N ARG E 104 -7.38 -4.85 7.96
CA ARG E 104 -8.35 -5.93 7.95
C ARG E 104 -8.52 -6.67 6.62
N CYS E 105 -8.25 -6.00 5.51
CA CYS E 105 -8.43 -6.63 4.20
C CYS E 105 -7.16 -7.06 3.48
N ASP E 106 -6.02 -7.03 4.17
CA ASP E 106 -4.77 -7.43 3.55
C ASP E 106 -4.72 -8.95 3.47
N GLY E 107 -4.08 -9.47 2.42
CA GLY E 107 -3.99 -10.91 2.25
C GLY E 107 -3.13 -11.30 1.08
N ASP E 108 -3.05 -12.61 0.82
CA ASP E 108 -2.25 -13.14 -0.26
C ASP E 108 -2.95 -13.02 -1.60
N GLU E 109 -4.28 -13.21 -1.60
CA GLU E 109 -5.06 -13.11 -2.82
C GLU E 109 -4.89 -11.73 -3.44
N PRO E 110 -4.82 -11.67 -4.77
CA PRO E 110 -4.66 -10.40 -5.50
C PRO E 110 -5.65 -9.30 -5.11
N LEU E 111 -6.94 -9.61 -5.16
CA LEU E 111 -7.97 -8.63 -4.79
C LEU E 111 -7.76 -8.12 -3.37
N GLU E 112 -7.35 -9.01 -2.47
CA GLU E 112 -7.12 -8.65 -1.08
C GLU E 112 -5.96 -7.68 -0.97
N ARG E 113 -4.93 -7.91 -1.78
CA ARG E 113 -3.73 -7.09 -1.79
C ARG E 113 -4.05 -5.75 -2.44
N GLU E 114 -4.68 -5.79 -3.60
CA GLU E 114 -5.03 -4.59 -4.33
C GLU E 114 -5.90 -3.66 -3.49
N CYS E 115 -6.78 -4.24 -2.68
CA CYS E 115 -7.66 -3.46 -1.84
C CYS E 115 -6.87 -2.71 -0.77
N ALA E 116 -6.07 -3.46 -0.01
CA ALA E 116 -5.26 -2.89 1.06
C ALA E 116 -4.23 -1.89 0.53
N GLY E 117 -3.70 -2.17 -0.66
CA GLY E 117 -2.73 -1.28 -1.26
C GLY E 117 -3.33 0.06 -1.61
N ALA E 118 -4.44 0.03 -2.33
CA ALA E 118 -5.16 1.22 -2.75
C ALA E 118 -5.59 2.08 -1.57
N CYS E 119 -5.95 1.44 -0.46
CA CYS E 119 -6.36 2.15 0.75
C CYS E 119 -5.14 2.90 1.30
N ARG E 120 -3.99 2.21 1.37
CA ARG E 120 -2.77 2.83 1.86
C ARG E 120 -2.36 3.98 0.93
N ARG E 121 -2.45 3.75 -0.38
CA ARG E 121 -2.10 4.80 -1.32
C ARG E 121 -2.98 6.04 -1.02
N PHE E 122 -4.29 5.83 -0.87
CA PHE E 122 -5.21 6.93 -0.58
C PHE E 122 -4.85 7.69 0.70
N VAL E 123 -4.52 6.93 1.75
CA VAL E 123 -4.16 7.53 3.03
C VAL E 123 -2.91 8.38 2.84
N GLU E 124 -1.97 7.86 2.05
CA GLU E 124 -0.71 8.51 1.76
C GLU E 124 -0.92 9.86 1.08
N ALA E 125 -1.88 9.92 0.17
CA ALA E 125 -2.17 11.17 -0.52
C ALA E 125 -3.03 12.11 0.30
N CYS E 126 -3.60 11.65 1.41
CA CYS E 126 -4.41 12.52 2.25
C CYS E 126 -3.58 13.37 3.21
N ARG E 127 -2.50 12.79 3.72
CA ARG E 127 -1.62 13.46 4.67
C ARG E 127 -1.17 14.86 4.28
N PRO E 128 -0.82 15.07 3.01
CA PRO E 128 -0.39 16.39 2.57
C PRO E 128 -1.50 17.44 2.60
N LEU E 129 -2.73 16.99 2.75
CA LEU E 129 -3.88 17.89 2.79
C LEU E 129 -4.40 18.06 4.22
N LEU E 130 -4.04 17.13 5.09
CA LEU E 130 -4.47 17.19 6.47
C LEU E 130 -3.82 18.37 7.20
N GLN F 31 -38.18 4.02 14.29
CA GLN F 31 -38.23 4.46 15.72
C GLN F 31 -36.83 4.39 16.35
N ALA F 32 -36.02 3.42 15.92
CA ALA F 32 -34.67 3.26 16.45
C ALA F 32 -33.89 4.55 16.19
N PRO F 33 -33.01 4.93 17.13
CA PRO F 33 -32.20 6.15 17.00
C PRO F 33 -31.45 6.31 15.68
N GLU F 34 -30.88 5.23 15.16
CA GLU F 34 -30.15 5.27 13.90
C GLU F 34 -31.11 5.56 12.74
N GLU F 35 -32.27 4.93 12.77
CA GLU F 35 -33.30 5.11 11.74
C GLU F 35 -33.84 6.55 11.78
N ARG F 36 -33.90 7.09 12.99
CA ARG F 36 -34.38 8.45 13.21
C ARG F 36 -33.38 9.42 12.58
N CYS F 37 -32.10 9.23 12.93
CA CYS F 37 -31.01 10.06 12.43
C CYS F 37 -30.96 9.96 10.90
N ARG F 38 -31.25 8.76 10.39
CA ARG F 38 -31.27 8.51 8.96
C ARG F 38 -32.34 9.36 8.26
N LEU F 39 -33.53 9.42 8.85
CA LEU F 39 -34.61 10.22 8.30
C LEU F 39 -34.26 11.69 8.38
N ALA F 40 -33.70 12.11 9.51
CA ALA F 40 -33.34 13.51 9.65
C ALA F 40 -32.27 13.85 8.60
N ALA F 41 -31.41 12.88 8.27
CA ALA F 41 -30.38 13.11 7.27
C ALA F 41 -31.02 13.29 5.89
N GLN F 42 -31.88 12.36 5.50
CA GLN F 42 -32.53 12.46 4.20
C GLN F 42 -33.33 13.73 4.08
N ALA F 43 -33.92 14.18 5.19
CA ALA F 43 -34.70 15.40 5.18
C ALA F 43 -33.77 16.59 4.98
N CYS F 44 -32.58 16.52 5.60
CA CYS F 44 -31.60 17.60 5.46
C CYS F 44 -31.07 17.63 4.02
N ILE F 45 -30.91 16.45 3.43
CA ILE F 45 -30.44 16.32 2.07
C ILE F 45 -31.41 16.97 1.10
N ARG F 46 -32.68 16.55 1.14
CA ARG F 46 -33.69 17.12 0.25
C ARG F 46 -33.78 18.63 0.39
N ALA F 47 -33.80 19.12 1.63
CA ALA F 47 -33.89 20.56 1.85
C ALA F 47 -32.70 21.30 1.27
N CYS F 48 -31.49 20.77 1.45
CA CYS F 48 -30.28 21.40 0.95
C CYS F 48 -30.28 21.49 -0.58
N GLU F 49 -30.53 20.36 -1.23
CA GLU F 49 -30.56 20.31 -2.69
C GLU F 49 -31.62 21.27 -3.23
N ARG F 50 -32.73 21.32 -2.52
CA ARG F 50 -33.85 22.18 -2.89
C ARG F 50 -33.38 23.62 -2.77
N TYR F 51 -32.65 23.90 -1.71
CA TYR F 51 -32.12 25.23 -1.47
C TYR F 51 -31.13 25.68 -2.54
N LEU F 52 -30.06 24.91 -2.73
CA LEU F 52 -29.04 25.29 -3.70
C LEU F 52 -29.47 25.15 -5.15
N ALA F 53 -30.72 24.78 -5.36
CA ALA F 53 -31.20 24.64 -6.72
C ALA F 53 -32.36 25.60 -7.05
N LEU F 54 -32.89 26.29 -6.04
CA LEU F 54 -34.01 27.22 -6.28
C LEU F 54 -33.77 28.63 -5.77
N CYS F 55 -33.18 28.76 -4.60
CA CYS F 55 -32.94 30.08 -4.06
C CYS F 55 -32.03 30.90 -4.99
N THR F 56 -32.31 32.19 -5.13
CA THR F 56 -31.50 33.05 -6.00
C THR F 56 -30.68 34.06 -5.22
N GLU F 57 -30.88 34.10 -3.91
CA GLU F 57 -30.15 35.02 -3.05
C GLU F 57 -28.94 34.36 -2.38
N SER F 58 -28.71 33.07 -2.64
CA SER F 58 -27.58 32.37 -2.01
C SER F 58 -26.24 32.80 -2.57
N SER F 59 -25.23 32.87 -1.72
CA SER F 59 -23.90 33.24 -2.19
C SER F 59 -23.13 31.94 -2.45
N ARG F 60 -21.95 32.06 -3.06
CA ARG F 60 -21.12 30.91 -3.36
C ARG F 60 -20.82 30.10 -2.10
N GLU F 61 -20.56 30.78 -0.99
CA GLU F 61 -20.27 30.10 0.26
C GLU F 61 -21.47 29.30 0.76
N GLN F 62 -22.66 29.88 0.66
CA GLN F 62 -23.88 29.20 1.09
C GLN F 62 -24.15 27.96 0.25
N ARG F 63 -23.92 28.04 -1.06
CA ARG F 63 -24.14 26.91 -1.93
C ARG F 63 -23.15 25.79 -1.58
N GLN F 64 -21.93 26.19 -1.24
CA GLN F 64 -20.90 25.25 -0.86
C GLN F 64 -21.26 24.56 0.45
N HIS F 65 -21.84 25.32 1.38
CA HIS F 65 -22.25 24.78 2.67
C HIS F 65 -23.41 23.80 2.53
N ALA F 66 -24.42 24.20 1.78
CA ALA F 66 -25.59 23.36 1.56
C ALA F 66 -25.21 22.13 0.75
N GLY F 67 -24.31 22.33 -0.21
CA GLY F 67 -23.86 21.24 -1.06
C GLY F 67 -23.02 20.21 -0.34
N ASP F 68 -22.09 20.66 0.50
CA ASP F 68 -21.27 19.71 1.23
C ASP F 68 -22.10 19.04 2.30
N CYS F 69 -22.96 19.81 2.97
CA CYS F 69 -23.80 19.25 4.01
C CYS F 69 -24.55 18.03 3.45
N ALA F 70 -25.21 18.24 2.31
CA ALA F 70 -25.97 17.21 1.60
C ALA F 70 -25.15 15.93 1.44
N ASP F 71 -23.93 16.10 0.94
CA ASP F 71 -23.05 14.98 0.73
C ASP F 71 -22.69 14.31 2.03
N LEU F 72 -22.44 15.12 3.06
CA LEU F 72 -22.10 14.61 4.38
C LEU F 72 -23.26 13.80 4.98
N CYS F 73 -24.49 14.26 4.81
CA CYS F 73 -25.67 13.57 5.34
C CYS F 73 -25.92 12.29 4.55
N ARG F 74 -25.48 12.31 3.29
CA ARG F 74 -25.63 11.17 2.42
C ARG F 74 -24.72 10.04 2.95
N LEU F 75 -23.49 10.38 3.30
CA LEU F 75 -22.55 9.39 3.81
C LEU F 75 -23.10 8.77 5.09
N ALA F 76 -23.46 9.63 6.04
CA ALA F 76 -24.02 9.18 7.29
C ALA F 76 -25.24 8.29 7.04
N ALA F 77 -26.20 8.79 6.26
CA ALA F 77 -27.41 8.03 5.95
C ALA F 77 -27.06 6.59 5.56
N LEU F 78 -26.06 6.48 4.69
CA LEU F 78 -25.57 5.19 4.19
C LEU F 78 -25.01 4.33 5.31
N LEU F 79 -24.15 4.90 6.14
CA LEU F 79 -23.59 4.10 7.22
C LEU F 79 -24.65 3.77 8.24
N LEU F 80 -25.60 4.68 8.41
CA LEU F 80 -26.69 4.51 9.35
C LEU F 80 -27.61 3.33 8.93
N GLU F 81 -27.94 3.25 7.64
CA GLU F 81 -28.79 2.19 7.11
C GLU F 81 -28.10 0.83 7.24
N ARG F 82 -26.79 0.80 7.07
CA ARG F 82 -26.05 -0.45 7.19
C ARG F 82 -25.64 -0.75 8.62
N ARG F 83 -26.04 0.12 9.54
CA ARG F 83 -25.72 -0.05 10.94
C ARG F 83 -24.22 -0.30 11.12
N SER F 84 -23.44 0.48 10.38
CA SER F 84 -21.99 0.38 10.44
C SER F 84 -21.47 0.89 11.77
N PRO F 85 -20.43 0.25 12.31
CA PRO F 85 -19.86 0.68 13.58
C PRO F 85 -19.12 2.01 13.43
N TRP F 86 -18.97 2.48 12.19
CA TRP F 86 -18.30 3.76 11.93
C TRP F 86 -19.33 4.87 11.69
N ALA F 87 -20.61 4.52 11.79
CA ALA F 87 -21.65 5.50 11.58
C ALA F 87 -21.53 6.70 12.52
N PRO F 88 -21.38 6.45 13.84
CA PRO F 88 -21.27 7.58 14.76
C PRO F 88 -20.19 8.61 14.40
N ALA F 89 -19.04 8.14 13.94
CA ALA F 89 -17.96 9.04 13.57
C ALA F 89 -18.40 9.86 12.35
N ALA F 90 -19.14 9.22 11.45
CA ALA F 90 -19.64 9.88 10.26
C ALA F 90 -20.67 10.94 10.65
N CYS F 91 -21.56 10.59 11.59
CA CYS F 91 -22.59 11.53 12.06
C CYS F 91 -21.98 12.72 12.77
N GLU F 92 -20.88 12.48 13.47
CA GLU F 92 -20.16 13.50 14.19
C GLU F 92 -19.73 14.60 13.21
N LEU F 93 -19.13 14.16 12.10
CA LEU F 93 -18.68 15.07 11.06
C LEU F 93 -19.87 15.75 10.39
N ALA F 94 -20.88 14.96 10.03
CA ALA F 94 -22.05 15.56 9.38
C ALA F 94 -22.78 16.52 10.31
N ALA F 95 -22.88 16.18 11.59
CA ALA F 95 -23.57 17.08 12.51
C ALA F 95 -22.83 18.40 12.62
N ARG F 96 -21.51 18.32 12.81
CA ARG F 96 -20.66 19.50 12.92
C ARG F 96 -20.94 20.47 11.79
N TYR F 97 -20.75 20.02 10.56
CA TYR F 97 -20.97 20.90 9.43
C TYR F 97 -22.44 21.14 9.14
N ALA F 98 -23.33 20.42 9.81
CA ALA F 98 -24.74 20.66 9.58
C ALA F 98 -25.14 21.98 10.27
N LEU F 99 -24.68 22.17 11.50
CA LEU F 99 -25.01 23.39 12.20
C LEU F 99 -24.34 24.58 11.52
N ALA F 100 -23.15 24.35 10.98
CA ALA F 100 -22.42 25.40 10.28
C ALA F 100 -23.23 25.82 9.06
N CYS F 101 -23.85 24.84 8.40
CA CYS F 101 -24.67 25.12 7.23
C CYS F 101 -25.90 25.93 7.64
N ALA F 102 -26.66 25.40 8.59
CA ALA F 102 -27.89 26.06 9.07
C ALA F 102 -27.64 27.49 9.57
N GLU F 103 -26.52 27.70 10.23
CA GLU F 103 -26.20 29.01 10.76
C GLU F 103 -25.90 30.03 9.67
N ARG F 104 -25.34 29.59 8.55
CA ARG F 104 -25.02 30.53 7.46
C ARG F 104 -26.06 30.53 6.35
N CYS F 105 -26.92 29.51 6.31
CA CYS F 105 -27.94 29.43 5.27
C CYS F 105 -29.35 29.81 5.67
N ASP F 106 -29.58 30.09 6.94
CA ASP F 106 -30.93 30.46 7.37
C ASP F 106 -31.28 31.86 6.87
N GLY F 107 -32.58 32.15 6.83
CA GLY F 107 -33.03 33.45 6.38
C GLY F 107 -34.53 33.62 6.53
N ASP F 108 -35.03 34.78 6.11
CA ASP F 108 -36.45 35.05 6.21
C ASP F 108 -37.19 34.21 5.17
N GLU F 109 -36.54 34.02 4.02
CA GLU F 109 -37.12 33.26 2.93
C GLU F 109 -37.51 31.84 3.34
N PRO F 110 -38.57 31.30 2.72
CA PRO F 110 -39.05 29.94 3.03
C PRO F 110 -38.01 28.85 2.87
N LEU F 111 -37.41 28.74 1.68
CA LEU F 111 -36.39 27.73 1.43
C LEU F 111 -35.14 27.97 2.26
N GLU F 112 -34.90 29.23 2.62
CA GLU F 112 -33.74 29.58 3.42
C GLU F 112 -33.90 29.04 4.84
N ARG F 113 -35.14 28.96 5.31
CA ARG F 113 -35.35 28.46 6.67
C ARG F 113 -35.61 26.96 6.69
N GLU F 114 -36.20 26.42 5.63
CA GLU F 114 -36.46 24.98 5.56
C GLU F 114 -35.13 24.23 5.61
N CYS F 115 -34.11 24.75 4.92
CA CYS F 115 -32.80 24.14 4.91
C CYS F 115 -32.17 24.25 6.30
N ALA F 116 -32.30 25.41 6.92
CA ALA F 116 -31.74 25.63 8.25
C ALA F 116 -32.43 24.74 9.29
N GLY F 117 -33.73 24.52 9.10
CA GLY F 117 -34.49 23.69 10.03
C GLY F 117 -34.13 22.22 9.94
N ALA F 118 -34.08 21.70 8.72
CA ALA F 118 -33.73 20.31 8.48
C ALA F 118 -32.36 20.00 9.10
N CYS F 119 -31.44 20.95 9.01
CA CYS F 119 -30.10 20.76 9.57
C CYS F 119 -30.15 20.69 11.09
N ARG F 120 -30.93 21.59 11.70
CA ARG F 120 -31.04 21.61 13.16
C ARG F 120 -31.59 20.28 13.62
N ARG F 121 -32.64 19.82 12.94
CA ARG F 121 -33.27 18.54 13.28
C ARG F 121 -32.29 17.38 13.14
N PHE F 122 -31.45 17.43 12.10
CA PHE F 122 -30.47 16.37 11.89
C PHE F 122 -29.47 16.35 13.05
N VAL F 123 -28.91 17.50 13.39
CA VAL F 123 -27.95 17.59 14.49
C VAL F 123 -28.55 17.02 15.78
N GLU F 124 -29.85 17.24 15.97
CA GLU F 124 -30.54 16.74 17.16
C GLU F 124 -30.58 15.21 17.18
N ALA F 125 -31.00 14.61 16.06
CA ALA F 125 -31.08 13.16 15.98
C ALA F 125 -29.72 12.48 16.17
N CYS F 126 -28.64 13.23 16.01
CA CYS F 126 -27.28 12.70 16.16
C CYS F 126 -26.81 12.69 17.61
N ARG F 127 -27.39 13.54 18.43
CA ARG F 127 -27.00 13.62 19.84
C ARG F 127 -26.90 12.24 20.50
N PRO F 128 -27.97 11.41 20.40
CA PRO F 128 -27.97 10.08 21.01
C PRO F 128 -27.09 9.01 20.34
N LEU F 129 -26.30 9.42 19.35
CA LEU F 129 -25.42 8.49 18.64
C LEU F 129 -23.96 8.96 18.62
N LEU F 130 -23.72 10.20 19.05
CA LEU F 130 -22.37 10.77 19.07
C LEU F 130 -21.47 10.03 20.04
N PRO F 131 -20.29 9.61 19.57
CA PRO F 131 -19.32 8.88 20.39
C PRO F 131 -18.79 9.71 21.56
N GLN G 31 -20.78 -5.51 -7.44
CA GLN G 31 -21.92 -5.38 -6.49
C GLN G 31 -21.79 -6.31 -5.27
N ALA G 32 -21.86 -5.75 -4.07
CA ALA G 32 -21.75 -6.54 -2.84
C ALA G 32 -22.74 -7.71 -2.81
N PRO G 33 -22.35 -8.82 -2.16
CA PRO G 33 -23.18 -10.03 -2.06
C PRO G 33 -24.51 -9.80 -1.32
N GLU G 34 -24.45 -9.14 -0.17
CA GLU G 34 -25.66 -8.86 0.59
C GLU G 34 -26.60 -7.98 -0.24
N GLU G 35 -26.01 -7.09 -1.03
CA GLU G 35 -26.78 -6.18 -1.85
C GLU G 35 -27.43 -6.87 -3.05
N ARG G 36 -26.70 -7.77 -3.69
CA ARG G 36 -27.23 -8.48 -4.83
C ARG G 36 -28.34 -9.44 -4.34
N CYS G 37 -28.19 -9.94 -3.12
CA CYS G 37 -29.19 -10.85 -2.53
C CYS G 37 -30.44 -10.09 -2.12
N ARG G 38 -30.24 -8.87 -1.61
CA ARG G 38 -31.36 -8.04 -1.19
C ARG G 38 -32.19 -7.67 -2.41
N LEU G 39 -31.52 -7.36 -3.51
CA LEU G 39 -32.23 -6.98 -4.72
C LEU G 39 -33.03 -8.17 -5.27
N ALA G 40 -32.43 -9.36 -5.23
CA ALA G 40 -33.12 -10.54 -5.72
C ALA G 40 -34.29 -10.86 -4.80
N ALA G 41 -34.14 -10.56 -3.51
CA ALA G 41 -35.21 -10.80 -2.55
C ALA G 41 -36.40 -9.90 -2.88
N GLN G 42 -36.13 -8.62 -3.15
CA GLN G 42 -37.20 -7.68 -3.48
C GLN G 42 -37.91 -8.05 -4.77
N ALA G 43 -37.14 -8.56 -5.73
CA ALA G 43 -37.68 -8.98 -7.01
C ALA G 43 -38.59 -10.20 -6.77
N CYS G 44 -38.31 -10.94 -5.70
CA CYS G 44 -39.12 -12.10 -5.36
C CYS G 44 -40.40 -11.65 -4.66
N ILE G 45 -40.34 -10.48 -4.02
CA ILE G 45 -41.50 -9.93 -3.31
C ILE G 45 -42.53 -9.45 -4.32
N ARG G 46 -42.10 -8.59 -5.24
CA ARG G 46 -43.00 -8.07 -6.24
C ARG G 46 -43.60 -9.20 -7.08
N ALA G 47 -42.78 -10.14 -7.51
CA ALA G 47 -43.25 -11.25 -8.32
C ALA G 47 -44.21 -12.18 -7.58
N CYS G 48 -43.98 -12.36 -6.28
CA CYS G 48 -44.85 -13.24 -5.50
C CYS G 48 -46.16 -12.56 -5.14
N GLU G 49 -46.12 -11.27 -4.88
CA GLU G 49 -47.33 -10.54 -4.51
C GLU G 49 -48.20 -10.28 -5.74
N ARG G 50 -47.55 -10.19 -6.90
CA ARG G 50 -48.23 -9.96 -8.15
C ARG G 50 -48.94 -11.25 -8.59
N TYR G 51 -48.30 -12.38 -8.35
CA TYR G 51 -48.86 -13.68 -8.73
C TYR G 51 -50.06 -14.00 -7.86
N LEU G 52 -49.96 -13.63 -6.59
CA LEU G 52 -51.00 -13.89 -5.62
C LEU G 52 -52.18 -12.94 -5.83
N ALA G 53 -51.92 -11.79 -6.43
CA ALA G 53 -53.00 -10.83 -6.62
C ALA G 53 -53.63 -10.86 -8.02
N LEU G 54 -52.82 -11.21 -9.02
CA LEU G 54 -53.29 -11.23 -10.41
C LEU G 54 -53.67 -12.60 -10.98
N CYS G 55 -52.79 -13.59 -10.84
CA CYS G 55 -53.10 -14.90 -11.39
C CYS G 55 -54.42 -15.44 -10.87
N THR G 56 -55.14 -16.15 -11.73
CA THR G 56 -56.42 -16.73 -11.37
C THR G 56 -56.33 -18.23 -11.12
N GLU G 57 -55.48 -18.91 -11.89
CA GLU G 57 -55.30 -20.35 -11.76
C GLU G 57 -54.53 -20.72 -10.48
N SER G 58 -54.50 -19.80 -9.52
CA SER G 58 -53.79 -20.05 -8.27
C SER G 58 -54.69 -20.77 -7.27
N SER G 59 -54.14 -21.78 -6.60
CA SER G 59 -54.89 -22.54 -5.60
C SER G 59 -54.55 -22.04 -4.20
N ARG G 60 -55.31 -22.48 -3.21
CA ARG G 60 -55.08 -22.07 -1.83
C ARG G 60 -53.63 -22.28 -1.43
N GLU G 61 -53.13 -23.49 -1.65
CA GLU G 61 -51.76 -23.85 -1.30
C GLU G 61 -50.72 -22.97 -2.01
N GLN G 62 -51.01 -22.58 -3.25
CA GLN G 62 -50.10 -21.75 -4.03
C GLN G 62 -50.07 -20.31 -3.51
N ARG G 63 -51.22 -19.78 -3.11
CA ARG G 63 -51.28 -18.42 -2.60
C ARG G 63 -50.57 -18.35 -1.25
N GLN G 64 -50.67 -19.43 -0.47
CA GLN G 64 -50.02 -19.49 0.83
C GLN G 64 -48.51 -19.51 0.65
N HIS G 65 -48.04 -20.28 -0.34
CA HIS G 65 -46.62 -20.35 -0.64
C HIS G 65 -46.12 -18.98 -1.10
N ALA G 66 -46.81 -18.40 -2.08
CA ALA G 66 -46.42 -17.11 -2.59
C ALA G 66 -46.40 -16.03 -1.49
N GLY G 67 -47.50 -15.91 -0.77
CA GLY G 67 -47.60 -14.91 0.29
C GLY G 67 -46.55 -15.05 1.38
N ASP G 68 -46.32 -16.28 1.80
CA ASP G 68 -45.33 -16.54 2.83
C ASP G 68 -43.93 -16.24 2.34
N CYS G 69 -43.67 -16.57 1.07
CA CYS G 69 -42.35 -16.32 0.51
C CYS G 69 -42.09 -14.82 0.55
N ALA G 70 -43.00 -14.04 -0.02
CA ALA G 70 -42.87 -12.59 -0.03
C ALA G 70 -42.54 -12.06 1.37
N ASP G 71 -43.31 -12.47 2.38
CA ASP G 71 -43.05 -12.01 3.74
C ASP G 71 -41.70 -12.47 4.24
N LEU G 72 -41.29 -13.67 3.87
CA LEU G 72 -40.00 -14.18 4.30
C LEU G 72 -38.90 -13.39 3.60
N CYS G 73 -39.08 -13.10 2.32
CA CYS G 73 -38.09 -12.32 1.59
C CYS G 73 -38.05 -10.90 2.13
N ARG G 74 -39.14 -10.49 2.78
CA ARG G 74 -39.20 -9.14 3.34
C ARG G 74 -38.28 -9.08 4.56
N LEU G 75 -38.34 -10.11 5.39
CA LEU G 75 -37.51 -10.22 6.58
C LEU G 75 -36.02 -10.27 6.24
N ALA G 76 -35.68 -11.07 5.24
CA ALA G 76 -34.30 -11.24 4.82
C ALA G 76 -33.75 -9.94 4.22
N ALA G 77 -34.59 -9.24 3.47
CA ALA G 77 -34.19 -7.98 2.87
C ALA G 77 -33.85 -6.95 3.96
N LEU G 78 -34.69 -6.87 4.99
CA LEU G 78 -34.48 -5.94 6.10
C LEU G 78 -33.15 -6.16 6.83
N LEU G 79 -32.90 -7.41 7.20
CA LEU G 79 -31.67 -7.76 7.90
C LEU G 79 -30.43 -7.58 7.02
N LEU G 80 -30.60 -7.84 5.73
CA LEU G 80 -29.52 -7.69 4.77
C LEU G 80 -29.14 -6.22 4.62
N GLU G 81 -30.14 -5.35 4.53
CA GLU G 81 -29.88 -3.92 4.38
C GLU G 81 -29.15 -3.37 5.60
N ARG G 82 -29.42 -3.95 6.76
CA ARG G 82 -28.77 -3.55 7.99
C ARG G 82 -27.47 -4.32 8.26
N ARG G 83 -27.07 -5.18 7.33
CA ARG G 83 -25.86 -5.98 7.44
C ARG G 83 -25.83 -6.73 8.78
N SER G 84 -27.00 -7.25 9.15
CA SER G 84 -27.18 -7.99 10.38
C SER G 84 -26.40 -9.29 10.42
N PRO G 85 -25.84 -9.62 11.59
CA PRO G 85 -25.09 -10.87 11.67
C PRO G 85 -26.04 -12.07 11.58
N TRP G 86 -27.34 -11.81 11.75
CA TRP G 86 -28.36 -12.84 11.68
C TRP G 86 -29.05 -12.89 10.32
N ALA G 87 -28.50 -12.14 9.36
CA ALA G 87 -29.08 -12.12 8.02
C ALA G 87 -29.03 -13.51 7.39
N PRO G 88 -27.83 -14.12 7.32
CA PRO G 88 -27.75 -15.45 6.70
C PRO G 88 -28.70 -16.49 7.29
N ALA G 89 -28.98 -16.40 8.58
CA ALA G 89 -29.88 -17.36 9.20
C ALA G 89 -31.28 -17.17 8.62
N ALA G 90 -31.65 -15.91 8.39
CA ALA G 90 -32.96 -15.58 7.83
C ALA G 90 -33.01 -15.92 6.35
N CYS G 91 -31.88 -15.74 5.67
CA CYS G 91 -31.78 -16.03 4.26
C CYS G 91 -31.96 -17.53 4.05
N GLU G 92 -31.48 -18.32 5.01
CA GLU G 92 -31.59 -19.77 5.00
C GLU G 92 -33.06 -20.21 4.97
N LEU G 93 -33.82 -19.75 5.97
CA LEU G 93 -35.24 -20.09 6.08
C LEU G 93 -35.99 -19.62 4.86
N ALA G 94 -35.69 -18.39 4.44
CA ALA G 94 -36.35 -17.81 3.29
C ALA G 94 -36.02 -18.57 2.02
N ALA G 95 -34.76 -18.95 1.88
CA ALA G 95 -34.32 -19.68 0.69
C ALA G 95 -35.02 -21.02 0.57
N ARG G 96 -35.09 -21.74 1.69
CA ARG G 96 -35.73 -23.05 1.71
C ARG G 96 -37.15 -23.02 1.15
N TYR G 97 -37.94 -22.03 1.58
CA TYR G 97 -39.31 -21.94 1.12
C TYR G 97 -39.46 -21.22 -0.21
N ALA G 98 -38.48 -20.38 -0.54
CA ALA G 98 -38.53 -19.67 -1.79
C ALA G 98 -38.55 -20.70 -2.92
N LEU G 99 -37.56 -21.59 -2.95
CA LEU G 99 -37.51 -22.59 -4.00
C LEU G 99 -38.68 -23.56 -3.86
N ALA G 100 -39.18 -23.68 -2.63
CA ALA G 100 -40.31 -24.55 -2.35
C ALA G 100 -41.55 -23.90 -2.94
N CYS G 101 -41.45 -22.58 -3.14
CA CYS G 101 -42.54 -21.78 -3.67
C CYS G 101 -42.48 -21.75 -5.19
N ALA G 102 -41.24 -21.81 -5.71
CA ALA G 102 -41.03 -21.78 -7.16
C ALA G 102 -41.49 -23.07 -7.81
N GLU G 103 -41.45 -24.17 -7.07
CA GLU G 103 -41.88 -25.46 -7.60
C GLU G 103 -43.40 -25.63 -7.51
N ARG G 104 -44.01 -25.09 -6.47
CA ARG G 104 -45.47 -25.19 -6.33
C ARG G 104 -46.11 -24.19 -7.28
N CYS G 105 -45.43 -23.06 -7.47
CA CYS G 105 -45.92 -22.01 -8.34
C CYS G 105 -45.06 -21.89 -9.59
N ASP G 106 -45.36 -22.70 -10.59
CA ASP G 106 -44.60 -22.68 -11.82
C ASP G 106 -45.48 -23.26 -12.91
N GLY G 107 -45.71 -22.48 -13.95
CA GLY G 107 -46.54 -22.94 -15.05
C GLY G 107 -46.23 -22.23 -16.35
N ASP G 108 -47.15 -22.33 -17.31
CA ASP G 108 -46.98 -21.70 -18.61
C ASP G 108 -47.25 -20.21 -18.55
N GLU G 109 -48.23 -19.79 -17.73
CA GLU G 109 -48.57 -18.39 -17.62
C GLU G 109 -47.34 -17.56 -17.32
N PRO G 110 -47.20 -16.40 -17.99
CA PRO G 110 -46.06 -15.51 -17.81
C PRO G 110 -45.91 -15.06 -16.35
N LEU G 111 -47.02 -14.87 -15.68
CA LEU G 111 -47.01 -14.45 -14.29
C LEU G 111 -46.51 -15.58 -13.39
N GLU G 112 -46.98 -16.79 -13.65
CA GLU G 112 -46.60 -17.96 -12.85
C GLU G 112 -45.13 -18.33 -13.02
N ARG G 113 -44.64 -18.25 -14.26
CA ARG G 113 -43.26 -18.59 -14.54
C ARG G 113 -42.30 -17.52 -14.00
N GLU G 114 -42.74 -16.25 -14.03
CA GLU G 114 -41.92 -15.16 -13.53
C GLU G 114 -41.72 -15.28 -12.02
N CYS G 115 -42.69 -15.88 -11.35
CA CYS G 115 -42.63 -16.07 -9.91
C CYS G 115 -41.51 -17.07 -9.60
N ALA G 116 -41.56 -18.24 -10.22
CA ALA G 116 -40.53 -19.26 -9.99
C ALA G 116 -39.15 -18.70 -10.28
N GLY G 117 -39.02 -17.95 -11.37
CA GLY G 117 -37.74 -17.36 -11.72
C GLY G 117 -37.18 -16.48 -10.61
N ALA G 118 -38.00 -15.56 -10.11
CA ALA G 118 -37.58 -14.68 -9.02
C ALA G 118 -37.17 -15.50 -7.81
N CYS G 119 -37.95 -16.54 -7.51
CA CYS G 119 -37.65 -17.42 -6.37
C CYS G 119 -36.28 -18.08 -6.56
N ARG G 120 -36.04 -18.63 -7.76
CA ARG G 120 -34.77 -19.28 -8.09
C ARG G 120 -33.63 -18.27 -7.91
N ARG G 121 -33.79 -17.09 -8.50
CA ARG G 121 -32.77 -16.04 -8.42
C ARG G 121 -32.42 -15.67 -6.97
N PHE G 122 -33.43 -15.63 -6.12
CA PHE G 122 -33.21 -15.30 -4.72
C PHE G 122 -32.41 -16.40 -4.03
N VAL G 123 -32.66 -17.65 -4.43
CA VAL G 123 -31.97 -18.79 -3.85
C VAL G 123 -30.51 -18.81 -4.28
N GLU G 124 -30.24 -18.42 -5.52
CA GLU G 124 -28.88 -18.41 -6.03
C GLU G 124 -28.09 -17.29 -5.37
N ALA G 125 -28.79 -16.21 -5.02
CA ALA G 125 -28.14 -15.06 -4.38
C ALA G 125 -27.79 -15.33 -2.92
N CYS G 126 -28.50 -16.27 -2.31
CA CYS G 126 -28.26 -16.63 -0.91
C CYS G 126 -27.03 -17.54 -0.74
N ARG G 127 -26.71 -18.32 -1.77
CA ARG G 127 -25.56 -19.24 -1.70
C ARG G 127 -24.26 -18.62 -1.15
N PRO G 128 -23.84 -17.47 -1.70
CA PRO G 128 -22.60 -16.88 -1.19
C PRO G 128 -22.67 -16.43 0.27
N LEU G 129 -23.86 -16.06 0.73
CA LEU G 129 -24.04 -15.60 2.10
C LEU G 129 -24.15 -16.76 3.08
N LEU G 130 -23.44 -17.85 2.79
CA LEU G 130 -23.45 -19.04 3.63
C LEU G 130 -22.16 -19.86 3.47
N ALA H 32 -56.44 -21.18 21.56
CA ALA H 32 -55.54 -21.84 20.58
C ALA H 32 -54.08 -21.52 20.87
N PRO H 33 -53.20 -22.54 20.85
CA PRO H 33 -51.77 -22.36 21.13
C PRO H 33 -51.08 -21.45 20.12
N GLU H 34 -51.58 -21.45 18.87
CA GLU H 34 -50.99 -20.60 17.85
C GLU H 34 -51.30 -19.15 18.15
N GLU H 35 -52.51 -18.89 18.64
CA GLU H 35 -52.92 -17.52 18.96
C GLU H 35 -52.17 -16.96 20.15
N ARG H 36 -51.98 -17.76 21.18
CA ARG H 36 -51.27 -17.30 22.37
C ARG H 36 -49.85 -16.92 21.99
N CYS H 37 -49.30 -17.65 21.02
CA CYS H 37 -47.95 -17.37 20.55
C CYS H 37 -47.93 -16.07 19.76
N ARG H 38 -48.95 -15.86 18.94
CA ARG H 38 -49.04 -14.65 18.13
C ARG H 38 -49.12 -13.40 19.01
N LEU H 39 -49.90 -13.49 20.08
CA LEU H 39 -50.05 -12.38 21.03
C LEU H 39 -48.71 -12.12 21.71
N ALA H 40 -48.06 -13.19 22.16
CA ALA H 40 -46.77 -13.06 22.81
C ALA H 40 -45.77 -12.46 21.83
N ALA H 41 -45.89 -12.85 20.56
CA ALA H 41 -45.00 -12.31 19.54
C ALA H 41 -45.20 -10.81 19.48
N GLN H 42 -46.45 -10.38 19.29
CA GLN H 42 -46.75 -8.96 19.22
C GLN H 42 -46.27 -8.25 20.48
N ALA H 43 -46.42 -8.89 21.62
CA ALA H 43 -45.99 -8.30 22.89
C ALA H 43 -44.47 -8.12 22.91
N CYS H 44 -43.77 -9.03 22.24
CA CYS H 44 -42.31 -8.98 22.16
C CYS H 44 -41.91 -7.80 21.27
N ILE H 45 -42.67 -7.61 20.19
CA ILE H 45 -42.44 -6.52 19.24
C ILE H 45 -42.45 -5.20 20.03
N ARG H 46 -43.57 -4.92 20.68
CA ARG H 46 -43.72 -3.70 21.46
C ARG H 46 -42.58 -3.49 22.45
N ALA H 47 -42.25 -4.54 23.20
CA ALA H 47 -41.20 -4.45 24.19
C ALA H 47 -39.86 -4.09 23.58
N CYS H 48 -39.53 -4.73 22.45
CA CYS H 48 -38.28 -4.48 21.77
C CYS H 48 -38.25 -3.09 21.14
N GLU H 49 -39.38 -2.63 20.61
CA GLU H 49 -39.44 -1.31 19.98
C GLU H 49 -39.29 -0.21 21.04
N ARG H 50 -39.95 -0.41 22.18
CA ARG H 50 -39.90 0.55 23.27
C ARG H 50 -38.46 0.71 23.71
N TYR H 51 -37.79 -0.41 23.93
CA TYR H 51 -36.40 -0.44 24.36
C TYR H 51 -35.47 0.19 23.31
N LEU H 52 -35.68 -0.18 22.06
CA LEU H 52 -34.87 0.33 20.98
C LEU H 52 -34.92 1.85 20.88
N ALA H 53 -36.12 2.40 21.02
CA ALA H 53 -36.34 3.83 20.91
C ALA H 53 -36.46 4.64 22.20
N LEU H 54 -36.06 4.08 23.34
CA LEU H 54 -36.17 4.82 24.59
C LEU H 54 -35.01 4.59 25.55
N CYS H 55 -34.33 3.47 25.44
CA CYS H 55 -33.22 3.22 26.36
C CYS H 55 -32.01 4.04 25.92
N THR H 56 -31.41 4.74 26.87
CA THR H 56 -30.26 5.61 26.62
C THR H 56 -28.90 4.93 26.84
N GLU H 57 -28.92 3.78 27.49
CA GLU H 57 -27.67 3.08 27.78
C GLU H 57 -27.41 1.91 26.85
N SER H 58 -28.30 1.69 25.88
CA SER H 58 -28.12 0.58 24.97
C SER H 58 -26.88 0.73 24.09
N SER H 59 -26.31 -0.38 23.66
CA SER H 59 -25.14 -0.34 22.79
C SER H 59 -25.62 -0.67 21.38
N ARG H 60 -24.75 -0.54 20.38
CA ARG H 60 -25.18 -0.84 19.03
C ARG H 60 -25.46 -2.34 18.90
N GLU H 61 -24.71 -3.16 19.62
CA GLU H 61 -24.91 -4.61 19.58
C GLU H 61 -26.29 -4.96 20.15
N GLN H 62 -26.63 -4.34 21.27
CA GLN H 62 -27.91 -4.58 21.90
C GLN H 62 -29.06 -4.09 21.03
N ARG H 63 -28.87 -2.95 20.37
CA ARG H 63 -29.91 -2.40 19.50
C ARG H 63 -30.13 -3.31 18.28
N GLN H 64 -29.06 -3.94 17.79
CA GLN H 64 -29.18 -4.83 16.64
C GLN H 64 -29.95 -6.09 17.08
N HIS H 65 -29.72 -6.54 18.31
CA HIS H 65 -30.42 -7.71 18.84
C HIS H 65 -31.93 -7.45 18.91
N ALA H 66 -32.32 -6.41 19.65
CA ALA H 66 -33.74 -6.07 19.78
C ALA H 66 -34.38 -5.77 18.42
N GLY H 67 -33.66 -5.05 17.57
CA GLY H 67 -34.19 -4.73 16.26
C GLY H 67 -34.46 -5.93 15.39
N ASP H 68 -33.51 -6.87 15.34
CA ASP H 68 -33.70 -8.05 14.51
C ASP H 68 -34.73 -8.99 15.14
N CYS H 69 -34.74 -9.05 16.47
CA CYS H 69 -35.68 -9.89 17.19
C CYS H 69 -37.10 -9.36 16.92
N ALA H 70 -37.25 -8.04 16.92
CA ALA H 70 -38.57 -7.46 16.64
C ALA H 70 -38.97 -7.83 15.22
N ASP H 71 -38.04 -7.71 14.28
CA ASP H 71 -38.38 -8.05 12.91
C ASP H 71 -38.71 -9.53 12.73
N LEU H 72 -37.94 -10.40 13.39
CA LEU H 72 -38.16 -11.84 13.34
C LEU H 72 -39.54 -12.21 13.92
N CYS H 73 -39.87 -11.65 15.08
CA CYS H 73 -41.17 -11.91 15.70
C CYS H 73 -42.27 -11.36 14.83
N ARG H 74 -41.94 -10.35 14.03
CA ARG H 74 -42.88 -9.70 13.14
C ARG H 74 -43.33 -10.68 12.07
N LEU H 75 -42.35 -11.38 11.49
CA LEU H 75 -42.65 -12.34 10.45
C LEU H 75 -43.41 -13.51 11.06
N ALA H 76 -42.99 -13.93 12.25
CA ALA H 76 -43.64 -15.03 12.94
C ALA H 76 -45.12 -14.72 13.08
N ALA H 77 -45.43 -13.56 13.65
CA ALA H 77 -46.83 -13.18 13.83
C ALA H 77 -47.61 -13.18 12.49
N LEU H 78 -46.93 -12.89 11.39
CA LEU H 78 -47.61 -12.85 10.08
C LEU H 78 -48.03 -14.26 9.63
N LEU H 79 -47.16 -15.26 9.80
CA LEU H 79 -47.49 -16.62 9.40
C LEU H 79 -48.47 -17.21 10.42
N LEU H 80 -48.46 -16.67 11.63
CA LEU H 80 -49.38 -17.13 12.67
C LEU H 80 -50.77 -16.57 12.41
N GLU H 81 -50.86 -15.31 11.99
CA GLU H 81 -52.14 -14.68 11.71
C GLU H 81 -52.93 -15.52 10.71
N ARG H 82 -52.31 -15.77 9.57
CA ARG H 82 -52.93 -16.57 8.51
C ARG H 82 -52.74 -18.05 8.83
N ARG H 83 -52.24 -18.32 10.02
CA ARG H 83 -51.98 -19.69 10.46
C ARG H 83 -51.48 -20.56 9.30
N SER H 84 -50.25 -20.28 8.87
CA SER H 84 -49.60 -20.98 7.78
C SER H 84 -48.88 -22.23 8.29
N PRO H 85 -48.72 -23.23 7.41
CA PRO H 85 -48.04 -24.47 7.82
C PRO H 85 -46.55 -24.24 8.04
N TRP H 86 -46.05 -23.09 7.59
CA TRP H 86 -44.65 -22.75 7.76
C TRP H 86 -44.44 -21.90 9.01
N ALA H 87 -45.52 -21.62 9.72
CA ALA H 87 -45.45 -20.82 10.93
C ALA H 87 -44.49 -21.38 11.97
N PRO H 88 -44.59 -22.69 12.26
CA PRO H 88 -43.69 -23.28 13.26
C PRO H 88 -42.20 -23.10 12.94
N ALA H 89 -41.85 -23.16 11.65
CA ALA H 89 -40.45 -23.01 11.25
C ALA H 89 -39.99 -21.58 11.49
N ALA H 90 -40.88 -20.62 11.27
CA ALA H 90 -40.52 -19.24 11.48
C ALA H 90 -40.43 -18.97 12.99
N CYS H 91 -41.24 -19.68 13.77
CA CYS H 91 -41.22 -19.53 15.23
C CYS H 91 -39.92 -20.08 15.80
N GLU H 92 -39.39 -21.10 15.13
CA GLU H 92 -38.14 -21.72 15.55
C GLU H 92 -37.01 -20.70 15.48
N LEU H 93 -36.90 -20.04 14.33
CA LEU H 93 -35.88 -19.03 14.10
C LEU H 93 -36.06 -17.84 15.05
N ALA H 94 -37.27 -17.28 15.09
CA ALA H 94 -37.54 -16.13 15.93
C ALA H 94 -37.28 -16.42 17.40
N ALA H 95 -37.60 -17.63 17.83
CA ALA H 95 -37.40 -18.02 19.22
C ALA H 95 -35.91 -18.08 19.56
N ARG H 96 -35.14 -18.76 18.71
CA ARG H 96 -33.71 -18.88 18.92
C ARG H 96 -33.03 -17.51 19.11
N TYR H 97 -33.45 -16.51 18.34
CA TYR H 97 -32.84 -15.19 18.51
C TYR H 97 -33.52 -14.36 19.57
N ALA H 98 -34.77 -14.71 19.89
CA ALA H 98 -35.47 -13.97 20.92
C ALA H 98 -34.72 -14.20 22.24
N LEU H 99 -34.31 -15.43 22.53
CA LEU H 99 -33.59 -15.65 23.77
C LEU H 99 -32.21 -14.98 23.71
N ALA H 100 -31.65 -14.85 22.52
CA ALA H 100 -30.34 -14.21 22.37
C ALA H 100 -30.47 -12.73 22.71
N CYS H 101 -31.61 -12.15 22.31
CA CYS H 101 -31.85 -10.74 22.60
C CYS H 101 -32.07 -10.55 24.10
N ALA H 102 -32.73 -11.53 24.72
CA ALA H 102 -33.01 -11.52 26.15
C ALA H 102 -31.74 -11.61 26.99
N GLU H 103 -30.82 -12.49 26.61
CA GLU H 103 -29.57 -12.65 27.36
C GLU H 103 -28.50 -11.63 26.94
N ARG H 104 -28.95 -10.49 26.47
CA ARG H 104 -28.04 -9.42 26.06
C ARG H 104 -28.65 -8.05 26.31
N CYS H 105 -29.97 -7.97 26.35
CA CYS H 105 -30.63 -6.69 26.59
C CYS H 105 -31.20 -6.58 28.01
N ASP H 106 -31.15 -7.68 28.74
CA ASP H 106 -31.65 -7.73 30.11
C ASP H 106 -30.91 -6.75 31.03
N GLY H 107 -31.66 -5.96 31.78
CA GLY H 107 -31.05 -4.99 32.68
C GLY H 107 -31.91 -4.65 33.90
N ASP H 108 -31.38 -3.81 34.78
CA ASP H 108 -32.11 -3.42 35.98
C ASP H 108 -33.20 -2.38 35.70
N GLU H 109 -33.07 -1.63 34.61
CA GLU H 109 -34.09 -0.62 34.27
C GLU H 109 -35.33 -1.28 33.68
N PRO H 110 -36.52 -0.67 33.90
CA PRO H 110 -37.78 -1.20 33.39
C PRO H 110 -37.79 -1.63 31.93
N LEU H 111 -37.40 -0.72 31.04
CA LEU H 111 -37.37 -1.04 29.61
C LEU H 111 -36.44 -2.21 29.28
N GLU H 112 -35.35 -2.35 30.03
CA GLU H 112 -34.40 -3.43 29.78
C GLU H 112 -34.98 -4.76 30.28
N ARG H 113 -35.51 -4.77 31.48
CA ARG H 113 -36.09 -5.97 32.05
C ARG H 113 -37.30 -6.41 31.22
N GLU H 114 -38.16 -5.45 30.87
CA GLU H 114 -39.37 -5.75 30.09
C GLU H 114 -39.05 -6.35 28.73
N CYS H 115 -37.90 -5.98 28.17
CA CYS H 115 -37.50 -6.49 26.87
C CYS H 115 -37.18 -7.97 27.00
N ALA H 116 -36.29 -8.29 27.93
CA ALA H 116 -35.87 -9.65 28.20
C ALA H 116 -37.07 -10.52 28.59
N GLY H 117 -37.95 -9.95 29.42
CA GLY H 117 -39.13 -10.69 29.86
C GLY H 117 -40.04 -11.05 28.71
N ALA H 118 -40.38 -10.06 27.90
CA ALA H 118 -41.24 -10.31 26.76
C ALA H 118 -40.60 -11.34 25.86
N CYS H 119 -39.29 -11.23 25.65
CA CYS H 119 -38.60 -12.17 24.78
C CYS H 119 -38.73 -13.60 25.25
N ARG H 120 -38.35 -13.83 26.51
CA ARG H 120 -38.43 -15.15 27.10
C ARG H 120 -39.88 -15.63 27.11
N ARG H 121 -40.81 -14.74 27.47
CA ARG H 121 -42.22 -15.13 27.48
C ARG H 121 -42.65 -15.56 26.09
N PHE H 122 -42.02 -14.96 25.08
CA PHE H 122 -42.36 -15.29 23.69
C PHE H 122 -41.86 -16.67 23.32
N VAL H 123 -40.66 -16.98 23.79
CA VAL H 123 -40.06 -18.27 23.51
C VAL H 123 -40.96 -19.40 24.02
N GLU H 124 -41.38 -19.27 25.28
CA GLU H 124 -42.23 -20.28 25.90
C GLU H 124 -43.46 -20.58 25.06
N ALA H 125 -44.12 -19.53 24.59
CA ALA H 125 -45.32 -19.69 23.79
C ALA H 125 -45.02 -20.40 22.47
N CYS H 126 -43.75 -20.43 22.07
CA CYS H 126 -43.37 -21.08 20.82
C CYS H 126 -43.13 -22.57 20.98
N ARG H 127 -42.72 -22.99 22.17
CA ARG H 127 -42.43 -24.39 22.41
C ARG H 127 -43.51 -25.33 21.92
N PRO H 128 -44.78 -25.06 22.27
CA PRO H 128 -45.87 -25.94 21.83
C PRO H 128 -46.11 -25.82 20.33
N LEU H 129 -45.26 -25.07 19.64
CA LEU H 129 -45.40 -24.88 18.22
C LEU H 129 -44.15 -25.29 17.43
N LEU H 130 -43.19 -25.91 18.13
CA LEU H 130 -41.95 -26.35 17.49
C LEU H 130 -41.99 -27.85 17.24
S SO4 I . 25.27 14.40 -19.96
O1 SO4 I . 25.51 12.99 -20.34
O2 SO4 I . 26.47 15.21 -20.31
O3 SO4 I . 25.04 14.50 -18.50
O4 SO4 I . 24.09 14.92 -20.66
#